data_9K6L
#
_entry.id   9K6L
#
_cell.length_a   1.00
_cell.length_b   1.00
_cell.length_c   1.00
_cell.angle_alpha   90.00
_cell.angle_beta   90.00
_cell.angle_gamma   90.00
#
_symmetry.space_group_name_H-M   'P 1'
#
loop_
_entity.id
_entity.type
_entity.pdbx_description
1 polymer 'Guanine nucleotide-binding protein G(i) subunit alpha-2'
2 polymer 'Guanine nucleotide-binding protein G(I)/G(S)/G(T) subunit beta-1'
3 polymer 'Guanine nucleotide-binding protein G(I)/G(S)/G(O) subunit gamma-2'
4 polymer scFv16
5 polymer 'exo-alpha-sialidase,Taste receptor type 2 member 16,LgBiT'
6 non-polymer '2-(hydroxymethyl)phenyl beta-D-glucopyranoside'
#
loop_
_entity_poly.entity_id
_entity_poly.type
_entity_poly.pdbx_seq_one_letter_code
_entity_poly.pdbx_strand_id
1 'polypeptide(L)'
;MGCTVSAEDKAAAERSKMIDKNLREDGEKAAREVKLLLLGAGESGKNTIVKQMKIIHEDGYSEEECRQYRAVVYSNTIQS
IMAIVKAMGNLQIDFADPSRADDARQLFALSCTAEEQGVLPDDLSGVIRRLWADHGVQACFGRSREYQLNDSAAYYLNDL
ERIAQSDYIPTQQDVLRTRVKTTGIVETHFTFKDLHFKMFDVGAQRSERKKWIHCFEGVTAIIFCVALSAYDLVLAEDEE
MNRMHESMKLFDSICNNKWFTDTSIILFLNKKDLFEEKITHSPLTICFPEYTGANKYDEAASYIQSKFEDLNKRKDTKEI
YTHFTCSTDTKNVQFVFDAVTDVIIKNNLKDCGLF
;
A
2 'polypeptide(L)'
;MSELDQLRQEAEQLKNQIRDARKACADATLSQITNNIDPVGRIQMRTRRTLRGHLAKIYAMHWGTDSRLLVSASQDGKLI
IWDSYTTNKVHAIPLRSSWVMTCAYAPSGNYVACGGLDNICSIYNLKTREGNVRVSRELAGHTGYLSCCRFLDDNQIVTS
SGDTTCALWDIETGQQTTTFTGHTGDVMSLSLAPDTRLFVSGACDASAKLWDVREGMCRQTFTGHESDINAICFFPNGNA
FATGSDDATCRLFDLRADQELMTYSHDNIICGITSVSFSKSGRLLLAGYDDFNCNVWDALKADRAGVLAGHDNRVSCLGV
TDDGMAVATGSWDSFLKIWNGSSGGGGSGGGGSSGVSGWRLFKKIS
;
B
3 'polypeptide(L)' MASNNTASIAQARKLVEQLKMEANIDRIKVSKAAADLMAYCEAHAKEDPLLTPVPASENPFREKKFFCAIL G
4 'polypeptide(L)'
;DVQLVESGGGLVQPGGSRKLSCSASGFAFSSFGMHWVRQAPEKGLEWVAYISSGSGTIYYADTVKGRFTISRDDPKNTLF
LQMTSLRSEDTAMYYCVRSIYYYGSSPFDFWGQGTTLTVSSGGGGSGGGGSGGGGSDIVMTQATSSVPVTPGESVSISCR
SSKSLLHSNGNTYLYWFLQRPGQSPQLLIYRMSNLASGVPDRFSGSGSGTAFTLTISRLEAEDVGVYYCMQHLEYPLTFG
AGTKLELKAAAENLYFQSHHHHHHHH
;
S
5 'polypeptide(L)'
;MKTIIALSYIFCLVFADYKDDDDAHHHHHHHHHHENLYFQSAHHHHHHSSGLEVLFQGPPEGAALTEKTDIFESGRNGNP
NKDGIKSYRIPALLKTDKGTLIAGADERRLHSSDWGDIGMVIRRSEDNGKTWGDRVTITNLRDNPKASDPSIGSPVNIDM
VLVQDPETKRIFSIYDMFPEGKGIFGMSSQKEEAYKKIDGKTYQILYREGEKGAYTIRENGTVYTPDGKATDYRVVVDPV
KPAYSDKGDLYKGDQLLGNIYFTTNKTSPFRIAKDSYLWMSYSDDDGKTWSAPQDITPMVKADWMKFLGVGPGTGIVLRN
GPHKGRILIPVYTTNNVSHLDGSQSSRVIYSDDHGKTWHAGEAVNDNRQVDGQKIHSSTMNNRRAQNTESTVVQLNNGDV
KLFMRGLTGDLQVATSKDGGVTWEKDIKRYPQVKDVYVQMSAIHTMHEGKEYIILSNAGGPKRENGMVHLARVEENGELT
WLKHNPIQKGEFAYNSLQELGNGEYGILYEHTEKGQNAYTLSFRKFNWEFLSKNGSGSGIPIQLTVFFMIIYVLESLTII
VQSSLIVAVLGREWLQVRRLMPVDMILISLGISRFCLQWASMLNNFCSYFNLNYVLCNLTITWEFFNILTFWLNSLLTVF
YCIKVSSFTHHIFLWLRWRILRLFPWILLGCLMITCVTIIPSAIGNYIQIQLLTMEHLPRNSTVTDKLENFHQYQFQAHT
VALVIPFILFLASTIFLMASLTKQIQHHSTGHCNPSMKARFTALRSLAVLFIVFTSYFLTILITIIGTLFDKRCWLWVWE
AFVYAFILMHSTSLMLSSPTLKRILKGKCGSGSGGSGSGGSGSGGSGSGSSGGVFTLEDFVGDWEQTAAYNLDQVLEQGG
VSSLLQNLAVSVTPIQRIVRSGENALKIDIHVIIPYEGLSADQMAQIEEVFKVVYPVDDHHFKVILPYGTLVIDGVTPNM
LNYFGRPYEGIAVFDGKKITVTGTLWNGNKIIDERLITPDGSMLFRVTINS
;
R
#
loop_
_chem_comp.id
_chem_comp.type
_chem_comp.name
_chem_comp.formula
SA0 D-saccharide '2-(hydroxymethyl)phenyl beta-D-glucopyranoside' 'C13 H18 O7'
#
# COMPACT_ATOMS: atom_id res chain seq x y z
N THR A 4 1.15 -2.92 -28.54
CA THR A 4 1.39 -1.50 -28.79
C THR A 4 0.61 -0.65 -27.78
N VAL A 5 1.21 0.46 -27.37
CA VAL A 5 0.63 1.37 -26.39
C VAL A 5 0.22 2.65 -27.10
N SER A 6 -1.00 3.11 -26.83
CA SER A 6 -1.50 4.33 -27.45
C SER A 6 -0.69 5.54 -26.97
N ALA A 7 -0.93 6.68 -27.62
CA ALA A 7 -0.20 7.90 -27.29
C ALA A 7 -0.50 8.34 -25.86
N GLU A 8 -1.78 8.50 -25.54
CA GLU A 8 -2.12 8.88 -24.18
C GLU A 8 -2.25 7.69 -23.25
N ASP A 9 -2.27 6.46 -23.76
CA ASP A 9 -1.98 5.33 -22.89
C ASP A 9 -0.55 5.42 -22.37
N LYS A 10 0.39 5.78 -23.24
CA LYS A 10 1.76 6.04 -22.80
C LYS A 10 1.80 7.23 -21.86
N ALA A 11 1.02 8.27 -22.15
CA ALA A 11 0.99 9.44 -21.26
C ALA A 11 0.43 9.08 -19.89
N ALA A 12 -0.59 8.20 -19.85
CA ALA A 12 -1.13 7.75 -18.58
C ALA A 12 -0.14 6.87 -17.83
N ALA A 13 0.64 6.07 -18.57
CA ALA A 13 1.72 5.32 -17.92
C ALA A 13 2.74 6.26 -17.31
N GLU A 14 3.08 7.34 -18.01
CA GLU A 14 4.01 8.31 -17.45
C GLU A 14 3.42 9.00 -16.23
N ARG A 15 2.13 9.31 -16.26
CA ARG A 15 1.46 9.88 -15.11
C ARG A 15 1.48 8.92 -13.93
N SER A 16 1.28 7.63 -14.19
CA SER A 16 1.40 6.63 -13.14
C SER A 16 2.81 6.57 -12.58
N LYS A 17 3.82 6.72 -13.45
CA LYS A 17 5.20 6.74 -12.97
C LYS A 17 5.46 7.96 -12.08
N MET A 18 4.92 9.12 -12.46
CA MET A 18 5.07 10.31 -11.63
C MET A 18 4.37 10.12 -10.29
N ILE A 19 3.19 9.52 -10.30
CA ILE A 19 2.48 9.26 -9.05
C ILE A 19 3.26 8.26 -8.20
N ASP A 20 3.91 7.29 -8.83
CA ASP A 20 4.77 6.36 -8.10
C ASP A 20 5.95 7.09 -7.47
N LYS A 21 6.55 8.03 -8.19
CA LYS A 21 7.66 8.80 -7.63
C LYS A 21 7.19 9.60 -6.42
N ASN A 22 6.04 10.26 -6.53
CA ASN A 22 5.49 10.99 -5.39
C ASN A 22 5.17 10.07 -4.23
N LEU A 23 4.62 8.89 -4.53
CA LEU A 23 4.29 7.92 -3.49
C LEU A 23 5.54 7.46 -2.75
N ARG A 24 6.61 7.16 -3.49
CA ARG A 24 7.82 6.68 -2.83
C ARG A 24 8.50 7.80 -2.04
N GLU A 25 8.45 9.04 -2.55
CA GLU A 25 9.01 10.14 -1.78
C GLU A 25 8.23 10.34 -0.49
N ASP A 26 6.90 10.29 -0.56
CA ASP A 26 6.08 10.45 0.64
C ASP A 26 6.29 9.30 1.60
N GLY A 27 6.45 8.08 1.09
CA GLY A 27 6.70 6.94 1.97
C GLY A 27 8.05 7.02 2.65
N GLU A 28 9.07 7.50 1.94
CA GLU A 28 10.37 7.66 2.56
C GLU A 28 10.34 8.77 3.60
N LYS A 29 9.56 9.83 3.35
CA LYS A 29 9.41 10.87 4.37
C LYS A 29 8.66 10.33 5.59
N ALA A 30 7.65 9.48 5.37
CA ALA A 30 6.84 8.98 6.47
C ALA A 30 7.60 7.95 7.30
N ALA A 31 8.41 7.12 6.66
CA ALA A 31 9.22 6.16 7.41
C ALA A 31 10.30 6.83 8.24
N ARG A 32 10.55 8.12 8.02
CA ARG A 32 11.55 8.87 8.77
C ARG A 32 11.01 9.40 10.08
N GLU A 33 9.69 9.43 10.25
CA GLU A 33 9.06 9.95 11.45
C GLU A 33 8.73 8.84 12.43
N VAL A 34 8.61 9.21 13.70
CA VAL A 34 8.39 8.27 14.78
C VAL A 34 6.93 8.29 15.15
N LYS A 35 6.26 7.17 14.99
CA LYS A 35 4.83 7.05 15.29
C LYS A 35 4.68 6.51 16.71
N LEU A 36 4.30 7.38 17.63
CA LEU A 36 4.09 7.01 19.03
C LEU A 36 2.60 6.86 19.29
N LEU A 37 2.20 5.70 19.78
CA LEU A 37 0.80 5.45 20.14
C LEU A 37 0.63 5.79 21.61
N LEU A 38 -0.13 6.83 21.90
CA LEU A 38 -0.35 7.30 23.27
C LEU A 38 -1.74 6.86 23.70
N LEU A 39 -1.81 6.01 24.71
CA LEU A 39 -3.06 5.60 25.30
C LEU A 39 -2.90 5.38 26.80
N GLY A 40 -4.01 5.46 27.51
CA GLY A 40 -3.99 5.30 28.96
C GLY A 40 -5.36 5.53 29.52
N ALA A 41 -5.44 5.45 30.85
CA ALA A 41 -6.69 5.72 31.53
C ALA A 41 -7.04 7.19 31.41
N GLY A 42 -8.34 7.49 31.54
CA GLY A 42 -8.78 8.87 31.48
C GLY A 42 -8.26 9.68 32.66
N GLU A 43 -8.10 10.99 32.42
CA GLU A 43 -7.65 11.97 33.42
C GLU A 43 -6.39 11.50 34.16
N SER A 44 -5.64 10.60 33.53
CA SER A 44 -4.44 10.02 34.09
C SER A 44 -3.21 10.79 33.64
N GLY A 45 -3.36 12.09 33.45
CA GLY A 45 -2.26 12.90 33.00
C GLY A 45 -1.99 12.83 31.51
N LYS A 46 -2.92 12.24 30.75
CA LYS A 46 -2.76 12.20 29.30
C LYS A 46 -2.76 13.60 28.72
N ASN A 47 -3.72 14.43 29.13
CA ASN A 47 -3.84 15.77 28.58
C ASN A 47 -2.61 16.61 28.89
N THR A 48 -2.15 16.57 30.15
CA THR A 48 -0.97 17.37 30.49
C THR A 48 0.27 16.83 29.80
N ILE A 49 0.36 15.51 29.61
CA ILE A 49 1.51 14.94 28.92
C ILE A 49 1.59 15.46 27.50
N VAL A 50 0.49 15.31 26.75
CA VAL A 50 0.49 15.82 25.38
C VAL A 50 0.69 17.32 25.38
N LYS A 51 0.26 18.02 26.43
CA LYS A 51 0.43 19.46 26.50
C LYS A 51 1.91 19.83 26.56
N GLN A 52 2.66 19.28 27.53
CA GLN A 52 4.00 19.85 27.68
C GLN A 52 4.95 19.23 26.65
N MET A 53 4.60 18.09 26.08
CA MET A 53 5.48 17.60 25.03
C MET A 53 5.00 18.00 23.64
N LYS A 54 3.91 18.78 23.55
CA LYS A 54 3.71 19.64 22.39
C LYS A 54 4.71 20.79 22.39
N ILE A 55 5.25 21.12 23.57
CA ILE A 55 6.16 22.24 23.76
C ILE A 55 5.51 23.52 23.27
N ILE A 56 4.30 23.79 23.77
CA ILE A 56 3.54 24.98 23.42
C ILE A 56 3.36 25.11 21.91
N THR A 183 -14.34 14.52 17.46
CA THR A 183 -13.61 13.52 18.23
C THR A 183 -12.62 12.77 17.34
N GLY A 184 -12.49 11.47 17.57
CA GLY A 184 -11.56 10.66 16.81
C GLY A 184 -10.14 10.75 17.34
N ILE A 185 -9.24 10.14 16.56
CA ILE A 185 -7.83 10.17 16.92
C ILE A 185 -7.31 11.59 16.87
N VAL A 186 -6.57 11.99 17.89
CA VAL A 186 -5.90 13.28 17.92
C VAL A 186 -4.45 13.06 17.54
N GLU A 187 -4.02 13.69 16.46
CA GLU A 187 -2.65 13.57 15.97
C GLU A 187 -1.86 14.81 16.37
N THR A 188 -0.77 14.60 17.09
CA THR A 188 0.11 15.67 17.54
C THR A 188 1.47 15.50 16.89
N HIS A 189 1.92 16.55 16.21
CA HIS A 189 3.20 16.53 15.52
C HIS A 189 4.20 17.37 16.29
N PHE A 190 5.35 16.80 16.62
CA PHE A 190 6.37 17.60 17.27
C PHE A 190 7.75 17.08 16.91
N THR A 191 8.70 18.01 16.80
CA THR A 191 10.07 17.70 16.38
C THR A 191 11.02 17.96 17.54
N PHE A 192 11.87 16.99 17.83
CA PHE A 192 12.88 17.13 18.86
C PHE A 192 14.20 16.60 18.34
N LYS A 193 15.20 17.47 18.26
CA LYS A 193 16.54 17.12 17.81
C LYS A 193 16.51 16.42 16.45
N ASP A 194 15.92 17.11 15.48
CA ASP A 194 15.86 16.62 14.10
C ASP A 194 15.22 15.25 14.01
N LEU A 195 14.16 15.04 14.77
CA LEU A 195 13.39 13.81 14.73
C LEU A 195 11.92 14.14 14.79
N HIS A 196 11.16 13.72 13.77
CA HIS A 196 9.74 13.98 13.70
C HIS A 196 8.99 12.95 14.54
N PHE A 197 7.99 13.41 15.29
CA PHE A 197 7.23 12.56 16.19
C PHE A 197 5.76 12.75 15.91
N LYS A 198 5.08 11.65 15.61
CA LYS A 198 3.63 11.60 15.49
C LYS A 198 3.07 10.94 16.74
N MET A 199 2.14 11.62 17.42
CA MET A 199 1.49 11.11 18.60
C MET A 199 0.02 10.90 18.31
N PHE A 200 -0.50 9.73 18.66
CA PHE A 200 -1.81 9.25 18.22
C PHE A 200 -2.67 8.96 19.45
N ASP A 201 -3.44 9.97 19.88
CA ASP A 201 -4.30 9.84 21.04
C ASP A 201 -5.62 9.20 20.60
N VAL A 202 -6.00 8.12 21.27
CA VAL A 202 -7.20 7.36 20.95
C VAL A 202 -8.18 7.34 22.11
N GLY A 203 -8.06 8.27 23.05
CA GLY A 203 -8.96 8.31 24.18
C GLY A 203 -10.39 8.65 23.83
N ALA A 204 -10.59 9.35 22.71
CA ALA A 204 -11.96 9.68 22.29
C ALA A 204 -12.74 8.43 21.93
N GLN A 205 -12.08 7.44 21.33
CA GLN A 205 -12.75 6.21 20.92
C GLN A 205 -13.24 5.45 22.15
N ARG A 206 -14.53 5.13 22.17
CA ARG A 206 -15.13 4.39 23.27
C ARG A 206 -15.57 2.99 22.86
N SER A 207 -15.25 2.57 21.64
CA SER A 207 -15.67 1.28 21.12
C SER A 207 -14.69 0.20 21.55
N GLU A 208 -14.91 -1.03 21.08
CA GLU A 208 -14.02 -2.15 21.39
C GLU A 208 -12.67 -1.92 20.73
N ARG A 209 -11.64 -1.70 21.55
CA ARG A 209 -10.33 -1.37 21.02
C ARG A 209 -9.74 -2.50 20.18
N LYS A 210 -10.07 -3.75 20.50
CA LYS A 210 -9.50 -4.87 19.76
C LYS A 210 -9.92 -4.90 18.30
N LYS A 211 -10.93 -4.12 17.93
CA LYS A 211 -11.34 -4.02 16.53
C LYS A 211 -10.51 -3.03 15.74
N TRP A 212 -9.75 -2.15 16.39
CA TRP A 212 -8.93 -1.19 15.66
C TRP A 212 -7.50 -1.10 16.17
N ILE A 213 -7.16 -1.76 17.27
CA ILE A 213 -5.80 -1.67 17.79
C ILE A 213 -4.79 -2.22 16.80
N HIS A 214 -5.20 -3.15 15.94
CA HIS A 214 -4.30 -3.68 14.93
C HIS A 214 -3.89 -2.63 13.92
N CYS A 215 -4.62 -1.51 13.84
CA CYS A 215 -4.19 -0.41 12.99
C CYS A 215 -2.88 0.18 13.45
N PHE A 216 -2.51 -0.01 14.71
CA PHE A 216 -1.29 0.55 15.26
C PHE A 216 -0.14 -0.45 15.32
N GLU A 217 -0.31 -1.64 14.76
CA GLU A 217 0.79 -2.58 14.67
C GLU A 217 1.89 -1.99 13.80
N GLY A 218 3.02 -1.65 14.42
CA GLY A 218 4.09 -0.95 13.72
C GLY A 218 4.47 0.38 14.33
N VAL A 219 3.82 0.81 15.41
CA VAL A 219 4.24 2.02 16.08
C VAL A 219 5.62 1.80 16.71
N THR A 220 6.41 2.87 16.74
CA THR A 220 7.73 2.77 17.35
C THR A 220 7.62 2.46 18.84
N ALA A 221 6.68 3.10 19.53
CA ALA A 221 6.52 2.88 20.96
C ALA A 221 5.11 3.25 21.37
N ILE A 222 4.72 2.75 22.54
CA ILE A 222 3.44 3.08 23.16
C ILE A 222 3.73 3.90 24.40
N ILE A 223 3.32 5.16 24.39
CA ILE A 223 3.48 6.06 25.53
C ILE A 223 2.27 5.85 26.43
N PHE A 224 2.41 4.95 27.40
CA PHE A 224 1.36 4.73 28.39
C PHE A 224 1.46 5.79 29.48
N CYS A 225 0.32 6.23 29.98
CA CYS A 225 0.26 7.22 31.05
C CYS A 225 -0.60 6.67 32.18
N VAL A 226 -0.07 6.68 33.39
CA VAL A 226 -0.76 6.17 34.57
C VAL A 226 -0.71 7.23 35.65
N ALA A 227 -1.87 7.54 36.23
CA ALA A 227 -1.94 8.50 37.31
C ALA A 227 -1.41 7.85 38.58
N LEU A 228 -0.22 8.27 39.00
CA LEU A 228 0.37 7.69 40.21
C LEU A 228 -0.47 8.01 41.43
N SER A 229 -1.09 9.19 41.47
CA SER A 229 -1.94 9.60 42.58
C SER A 229 -3.28 8.87 42.60
N ALA A 230 -3.59 8.06 41.59
CA ALA A 230 -4.88 7.39 41.49
C ALA A 230 -4.92 6.07 42.24
N TYR A 231 -4.07 5.89 43.24
CA TYR A 231 -4.05 4.66 44.03
C TYR A 231 -5.10 4.66 45.13
N ASP A 232 -5.80 5.77 45.36
CA ASP A 232 -6.92 5.82 46.30
C ASP A 232 -8.26 6.04 45.63
N LEU A 233 -8.33 6.97 44.68
CA LEU A 233 -9.61 7.31 44.08
C LEU A 233 -10.20 6.12 43.34
N VAL A 234 -11.52 5.97 43.44
CA VAL A 234 -12.23 4.88 42.81
C VAL A 234 -12.86 5.38 41.52
N LEU A 235 -13.19 4.43 40.64
CA LEU A 235 -13.83 4.79 39.38
C LEU A 235 -15.21 5.36 39.62
N ALA A 236 -15.56 6.41 38.87
CA ALA A 236 -16.86 7.03 39.02
C ALA A 236 -17.98 6.09 38.58
N GLU A 237 -17.78 5.36 37.48
CA GLU A 237 -18.83 4.50 36.95
C GLU A 237 -19.14 3.35 37.91
N ASP A 238 -18.11 2.65 38.37
CA ASP A 238 -18.27 1.55 39.30
C ASP A 238 -17.34 1.75 40.48
N GLU A 239 -17.88 1.65 41.69
CA GLU A 239 -17.10 1.85 42.91
C GLU A 239 -16.45 0.57 43.43
N GLU A 240 -16.65 -0.55 42.74
CA GLU A 240 -16.07 -1.82 43.15
C GLU A 240 -14.73 -2.10 42.49
N MET A 241 -14.22 -1.19 41.66
CA MET A 241 -12.95 -1.37 40.98
C MET A 241 -12.06 -0.15 41.24
N ASN A 242 -10.85 -0.39 41.73
CA ASN A 242 -9.91 0.68 41.98
C ASN A 242 -9.40 1.24 40.66
N ARG A 243 -9.21 2.57 40.61
CA ARG A 243 -8.76 3.20 39.39
C ARG A 243 -7.37 2.73 38.99
N MET A 244 -6.46 2.62 39.96
CA MET A 244 -5.13 2.11 39.65
C MET A 244 -5.20 0.66 39.19
N HIS A 245 -6.13 -0.11 39.75
CA HIS A 245 -6.34 -1.48 39.28
C HIS A 245 -6.84 -1.50 37.84
N GLU A 246 -7.72 -0.56 37.48
CA GLU A 246 -8.16 -0.47 36.09
C GLU A 246 -6.99 -0.12 35.17
N SER A 247 -6.13 0.80 35.61
CA SER A 247 -4.95 1.14 34.81
C SER A 247 -4.05 -0.07 34.65
N MET A 248 -3.87 -0.86 35.72
CA MET A 248 -3.06 -2.07 35.63
C MET A 248 -3.66 -3.07 34.66
N LYS A 249 -5.00 -3.22 34.69
CA LYS A 249 -5.65 -4.13 33.74
C LYS A 249 -5.46 -3.66 32.31
N LEU A 250 -5.59 -2.36 32.07
CA LEU A 250 -5.37 -1.82 30.72
C LEU A 250 -3.93 -2.05 30.28
N PHE A 251 -2.97 -1.85 31.18
CA PHE A 251 -1.57 -2.08 30.87
C PHE A 251 -1.32 -3.54 30.53
N ASP A 252 -1.91 -4.46 31.29
CA ASP A 252 -1.77 -5.87 30.99
C ASP A 252 -2.36 -6.20 29.62
N SER A 253 -3.52 -5.62 29.32
CA SER A 253 -4.17 -5.89 28.03
C SER A 253 -3.33 -5.38 26.87
N ILE A 254 -2.67 -4.23 27.05
CA ILE A 254 -1.98 -3.62 25.92
C ILE A 254 -0.54 -4.13 25.77
N CYS A 255 0.11 -4.54 26.85
CA CYS A 255 1.47 -5.07 26.72
C CYS A 255 1.46 -6.48 26.15
N ASN A 256 0.53 -7.31 26.60
CA ASN A 256 0.43 -8.70 26.18
C ASN A 256 -0.43 -8.88 24.93
N ASN A 257 -0.87 -7.78 24.32
CA ASN A 257 -1.64 -7.88 23.09
C ASN A 257 -0.80 -8.53 21.99
N LYS A 258 -1.46 -9.34 21.17
CA LYS A 258 -0.74 -10.04 20.10
C LYS A 258 -0.17 -9.10 19.06
N TRP A 259 -0.62 -7.84 19.03
CA TRP A 259 -0.16 -6.87 18.06
C TRP A 259 1.03 -6.06 18.53
N PHE A 260 1.46 -6.25 19.79
CA PHE A 260 2.59 -5.50 20.35
C PHE A 260 3.54 -6.44 21.07
N THR A 261 3.86 -7.57 20.45
CA THR A 261 4.78 -8.52 21.04
C THR A 261 6.22 -7.99 21.08
N ASP A 262 6.52 -6.91 20.36
CA ASP A 262 7.86 -6.35 20.38
C ASP A 262 7.91 -4.83 20.51
N THR A 263 6.80 -4.12 20.35
CA THR A 263 6.83 -2.67 20.45
C THR A 263 7.09 -2.26 21.89
N SER A 264 8.06 -1.36 22.08
CA SER A 264 8.41 -0.91 23.41
C SER A 264 7.30 -0.02 23.97
N ILE A 265 7.38 0.23 25.28
CA ILE A 265 6.38 1.02 25.98
C ILE A 265 7.09 2.05 26.84
N ILE A 266 6.80 3.33 26.59
CA ILE A 266 7.28 4.42 27.43
C ILE A 266 6.20 4.69 28.47
N LEU A 267 6.42 4.20 29.68
CA LEU A 267 5.46 4.32 30.76
C LEU A 267 5.73 5.62 31.53
N PHE A 268 4.68 6.40 31.74
CA PHE A 268 4.76 7.70 32.38
C PHE A 268 3.93 7.65 33.65
N LEU A 269 4.58 7.74 34.80
CA LEU A 269 3.89 7.78 36.08
C LEU A 269 3.67 9.25 36.43
N ASN A 270 2.48 9.75 36.09
CA ASN A 270 2.19 11.18 36.19
C ASN A 270 1.80 11.55 37.61
N LYS A 271 1.48 12.83 37.81
CA LYS A 271 1.00 13.34 39.10
C LYS A 271 1.96 12.98 40.22
N LYS A 272 3.26 13.12 39.95
CA LYS A 272 4.29 12.77 40.97
C LYS A 272 4.09 13.65 42.21
N ASP A 273 3.86 14.95 42.03
CA ASP A 273 3.76 15.84 43.20
C ASP A 273 2.45 15.64 43.95
N LEU A 274 1.38 15.20 43.27
CA LEU A 274 0.18 14.80 43.99
C LEU A 274 0.46 13.62 44.91
N PHE A 275 1.17 12.62 44.42
CA PHE A 275 1.52 11.46 45.24
C PHE A 275 2.48 11.87 46.36
N GLU A 276 3.34 12.86 46.11
CA GLU A 276 4.31 13.29 47.12
C GLU A 276 3.62 13.70 48.41
N GLU A 277 2.44 14.32 48.32
CA GLU A 277 1.71 14.67 49.53
C GLU A 277 0.59 13.69 49.87
N LYS A 278 0.13 12.90 48.90
CA LYS A 278 -0.95 11.95 49.16
C LYS A 278 -0.48 10.76 49.97
N ILE A 279 0.80 10.41 49.90
CA ILE A 279 1.28 9.20 50.56
C ILE A 279 1.28 9.35 52.08
N THR A 280 1.64 10.54 52.58
CA THR A 280 1.77 10.69 54.03
C THR A 280 0.41 10.70 54.74
N HIS A 281 -0.69 10.79 53.99
CA HIS A 281 -2.02 10.57 54.54
C HIS A 281 -2.52 9.15 54.31
N SER A 282 -2.57 8.71 53.05
CA SER A 282 -3.17 7.42 52.77
C SER A 282 -2.12 6.38 52.40
N PRO A 283 -2.32 5.14 52.82
CA PRO A 283 -1.35 4.07 52.55
C PRO A 283 -1.65 3.34 51.23
N LEU A 284 -0.64 2.58 50.78
CA LEU A 284 -0.79 1.72 49.61
C LEU A 284 -1.68 0.50 49.86
N THR A 285 -2.04 0.23 51.11
CA THR A 285 -2.72 -1.03 51.41
C THR A 285 -4.04 -1.15 50.68
N ILE A 286 -4.76 -0.02 50.52
CA ILE A 286 -6.02 -0.05 49.80
C ILE A 286 -5.81 -0.44 48.35
N CYS A 287 -4.79 0.14 47.70
CA CYS A 287 -4.49 -0.22 46.32
C CYS A 287 -3.85 -1.60 46.24
N PHE A 288 -2.76 -1.80 47.00
CA PHE A 288 -2.04 -3.07 47.03
C PHE A 288 -1.94 -3.57 48.47
N PRO A 289 -2.80 -4.49 48.88
CA PRO A 289 -2.70 -5.02 50.26
C PRO A 289 -1.36 -5.69 50.56
N GLU A 290 -0.77 -6.39 49.59
CA GLU A 290 0.50 -7.07 49.80
C GLU A 290 1.65 -6.07 49.63
N TYR A 291 1.80 -5.21 50.64
CA TYR A 291 2.80 -4.16 50.63
C TYR A 291 3.54 -4.15 51.96
N THR A 292 4.87 -3.99 51.91
CA THR A 292 5.71 -4.20 53.08
C THR A 292 5.47 -3.12 54.14
N GLY A 293 5.54 -1.85 53.75
CA GLY A 293 5.42 -0.76 54.69
C GLY A 293 6.35 0.37 54.32
N ALA A 294 6.64 1.22 55.31
CA ALA A 294 7.54 2.37 55.15
C ALA A 294 7.02 3.31 54.06
N ASN A 295 5.88 3.94 54.37
CA ASN A 295 5.10 4.70 53.40
C ASN A 295 5.78 6.00 52.99
N LYS A 296 6.84 5.91 52.21
CA LYS A 296 7.50 7.08 51.65
C LYS A 296 7.36 7.08 50.13
N TYR A 297 7.75 8.21 49.52
CA TYR A 297 7.66 8.33 48.06
C TYR A 297 8.51 7.29 47.38
N ASP A 298 9.77 7.14 47.80
CA ASP A 298 10.72 6.35 47.03
C ASP A 298 10.28 4.90 46.91
N GLU A 299 9.99 4.26 48.04
CA GLU A 299 9.67 2.83 48.00
C GLU A 299 8.29 2.60 47.41
N ALA A 300 7.35 3.50 47.67
CA ALA A 300 6.02 3.35 47.08
C ALA A 300 6.07 3.45 45.56
N ALA A 301 6.79 4.44 45.04
CA ALA A 301 6.95 4.56 43.59
C ALA A 301 7.68 3.36 43.02
N SER A 302 8.70 2.88 43.72
CA SER A 302 9.42 1.70 43.25
C SER A 302 8.50 0.49 43.21
N TYR A 303 7.65 0.32 44.22
CA TYR A 303 6.72 -0.80 44.25
C TYR A 303 5.73 -0.71 43.10
N ILE A 304 5.17 0.48 42.86
CA ILE A 304 4.21 0.63 41.78
C ILE A 304 4.88 0.35 40.44
N GLN A 305 6.10 0.86 40.27
CA GLN A 305 6.85 0.64 39.03
C GLN A 305 7.11 -0.85 38.80
N SER A 306 7.56 -1.55 39.85
CA SER A 306 7.84 -2.97 39.73
C SER A 306 6.57 -3.75 39.44
N LYS A 307 5.47 -3.39 40.10
CA LYS A 307 4.20 -4.07 39.85
C LYS A 307 3.75 -3.88 38.41
N PHE A 308 3.91 -2.66 37.88
CA PHE A 308 3.52 -2.42 36.50
C PHE A 308 4.36 -3.22 35.53
N GLU A 309 5.69 -3.20 35.71
CA GLU A 309 6.54 -4.01 34.83
C GLU A 309 6.38 -5.50 35.05
N ASP A 310 5.79 -5.93 36.16
CA ASP A 310 5.53 -7.36 36.35
C ASP A 310 4.49 -7.89 35.38
N LEU A 311 3.63 -7.03 34.84
CA LEU A 311 2.65 -7.48 33.85
C LEU A 311 3.29 -7.84 32.52
N ASN A 312 4.52 -7.38 32.28
CA ASN A 312 5.19 -7.60 31.01
C ASN A 312 5.60 -9.07 30.97
N LYS A 313 4.77 -9.90 30.35
CA LYS A 313 5.07 -11.33 30.29
C LYS A 313 6.22 -11.61 29.34
N ARG A 314 6.21 -10.98 28.16
CA ARG A 314 7.25 -11.22 27.15
C ARG A 314 8.40 -10.25 27.36
N LYS A 315 9.16 -10.51 28.43
CA LYS A 315 10.39 -9.76 28.65
C LYS A 315 11.46 -10.21 27.67
N ASP A 316 12.56 -9.46 27.64
CA ASP A 316 13.71 -9.66 26.77
C ASP A 316 13.38 -9.38 25.30
N THR A 317 12.12 -9.10 24.98
CA THR A 317 11.73 -8.65 23.64
C THR A 317 10.93 -7.36 23.65
N LYS A 318 10.40 -6.94 24.79
CA LYS A 318 9.75 -5.65 24.95
C LYS A 318 10.43 -4.90 26.09
N GLU A 319 10.37 -3.57 26.02
CA GLU A 319 10.97 -2.71 27.03
C GLU A 319 9.91 -1.82 27.65
N ILE A 320 10.06 -1.54 28.93
CA ILE A 320 9.19 -0.62 29.65
C ILE A 320 10.08 0.48 30.20
N TYR A 321 10.23 1.56 29.44
CA TYR A 321 11.00 2.72 29.88
C TYR A 321 10.11 3.52 30.83
N THR A 322 10.37 3.41 32.13
CA THR A 322 9.53 4.04 33.13
C THR A 322 10.10 5.39 33.52
N HIS A 323 9.25 6.42 33.51
CA HIS A 323 9.68 7.75 33.89
C HIS A 323 8.65 8.41 34.79
N PHE A 324 9.11 9.03 35.86
CA PHE A 324 8.27 9.86 36.70
C PHE A 324 8.22 11.26 36.13
N THR A 325 7.04 11.69 35.69
CA THR A 325 6.93 12.95 34.96
C THR A 325 7.24 14.13 35.85
N CYS A 326 7.97 15.09 35.29
CA CYS A 326 8.31 16.35 35.95
C CYS A 326 7.45 17.43 35.31
N SER A 327 6.29 17.70 35.92
CA SER A 327 5.35 18.65 35.34
C SER A 327 5.93 20.05 35.25
N THR A 328 6.92 20.37 36.10
CA THR A 328 7.54 21.68 36.10
C THR A 328 8.82 21.73 35.28
N ASP A 329 9.18 20.64 34.60
CA ASP A 329 10.43 20.56 33.86
C ASP A 329 10.15 20.18 32.41
N THR A 330 11.22 20.12 31.62
CA THR A 330 11.13 19.88 30.19
C THR A 330 11.53 18.45 29.81
N LYS A 331 12.34 17.78 30.63
CA LYS A 331 12.95 16.51 30.28
C LYS A 331 11.94 15.41 29.98
N ASN A 332 10.65 15.70 30.11
CA ASN A 332 9.62 14.70 29.80
C ASN A 332 9.70 14.26 28.35
N VAL A 333 9.90 15.22 27.44
CA VAL A 333 10.05 14.85 26.02
C VAL A 333 11.45 14.32 25.75
N GLN A 334 12.44 14.74 26.55
CA GLN A 334 13.80 14.26 26.37
C GLN A 334 13.87 12.76 26.63
N PHE A 335 13.16 12.30 27.67
CA PHE A 335 13.10 10.87 27.96
C PHE A 335 12.47 10.11 26.80
N VAL A 336 11.40 10.67 26.21
CA VAL A 336 10.77 10.02 25.08
C VAL A 336 11.74 9.96 23.91
N PHE A 337 12.52 11.02 23.71
CA PHE A 337 13.51 11.01 22.64
C PHE A 337 14.55 9.91 22.86
N ASP A 338 15.03 9.76 24.09
CA ASP A 338 16.01 8.71 24.38
C ASP A 338 15.42 7.33 24.16
N ALA A 339 14.19 7.11 24.63
CA ALA A 339 13.56 5.81 24.45
C ALA A 339 13.34 5.51 22.97
N VAL A 340 12.91 6.51 22.21
CA VAL A 340 12.66 6.32 20.79
C VAL A 340 13.96 6.05 20.06
N THR A 341 15.05 6.73 20.43
CA THR A 341 16.35 6.46 19.83
C THR A 341 16.79 5.03 20.13
N ASP A 342 16.58 4.57 21.36
CA ASP A 342 16.94 3.20 21.71
C ASP A 342 16.13 2.19 20.90
N VAL A 343 14.83 2.44 20.75
CA VAL A 343 13.99 1.53 19.99
C VAL A 343 14.38 1.53 18.52
N ILE A 344 14.76 2.71 18.00
CA ILE A 344 15.22 2.80 16.61
C ILE A 344 16.49 1.99 16.41
N ILE A 345 17.43 2.09 17.37
CA ILE A 345 18.66 1.32 17.27
C ILE A 345 18.36 -0.18 17.31
N LYS A 346 17.48 -0.60 18.21
CA LYS A 346 17.13 -2.02 18.30
C LYS A 346 16.46 -2.49 17.02
N ASN A 347 15.56 -1.69 16.45
CA ASN A 347 14.90 -2.07 15.21
C ASN A 347 15.90 -2.16 14.06
N ASN A 348 16.87 -1.23 14.02
CA ASN A 348 17.90 -1.29 13.00
C ASN A 348 18.74 -2.54 13.15
N LEU A 349 19.11 -2.89 14.38
CA LEU A 349 19.88 -4.11 14.61
C LEU A 349 19.10 -5.33 14.17
N LYS A 350 17.79 -5.37 14.44
CA LYS A 350 16.97 -6.48 13.99
C LYS A 350 16.89 -6.53 12.47
N ASP A 351 16.79 -5.36 11.83
CA ASP A 351 16.73 -5.32 10.38
C ASP A 351 18.01 -5.83 9.74
N CYS A 352 19.16 -5.44 10.29
CA CYS A 352 20.43 -5.94 9.80
C CYS A 352 20.66 -7.40 10.17
N GLY A 353 19.82 -7.97 11.02
CA GLY A 353 19.96 -9.36 11.41
C GLY A 353 20.98 -9.65 12.47
N LEU A 354 21.66 -8.63 12.99
CA LEU A 354 22.65 -8.86 14.03
C LEU A 354 22.01 -9.43 15.29
N PHE A 355 20.86 -8.89 15.68
CA PHE A 355 20.18 -9.36 16.88
C PHE A 355 19.06 -10.34 16.53
N GLU B 3 -42.04 -3.50 36.49
CA GLU B 3 -42.20 -3.11 35.10
C GLU B 3 -41.03 -3.62 34.25
N LEU B 4 -39.81 -3.33 34.70
CA LEU B 4 -38.64 -3.77 33.95
C LEU B 4 -38.58 -5.29 33.86
N ASP B 5 -38.88 -5.97 34.96
CA ASP B 5 -38.93 -7.43 34.92
C ASP B 5 -40.00 -7.92 33.96
N GLN B 6 -41.19 -7.29 33.98
CA GLN B 6 -42.26 -7.69 33.07
C GLN B 6 -41.88 -7.43 31.62
N LEU B 7 -41.26 -6.27 31.35
CA LEU B 7 -40.85 -5.96 29.98
C LEU B 7 -39.79 -6.95 29.49
N ARG B 8 -38.82 -7.28 30.35
CA ARG B 8 -37.80 -8.24 29.96
C ARG B 8 -38.41 -9.61 29.72
N GLN B 9 -39.34 -10.03 30.57
CA GLN B 9 -39.98 -11.33 30.40
C GLN B 9 -40.76 -11.38 29.09
N GLU B 10 -41.51 -10.32 28.78
CA GLU B 10 -42.27 -10.34 27.53
C GLU B 10 -41.36 -10.22 26.31
N ALA B 11 -40.23 -9.51 26.43
CA ALA B 11 -39.26 -9.51 25.35
C ALA B 11 -38.70 -10.90 25.10
N GLU B 12 -38.39 -11.62 26.19
CA GLU B 12 -37.96 -13.01 26.05
C GLU B 12 -39.07 -13.87 25.44
N GLN B 13 -40.33 -13.57 25.77
CA GLN B 13 -41.44 -14.32 25.20
C GLN B 13 -41.55 -14.11 23.69
N LEU B 14 -41.42 -12.86 23.24
CA LEU B 14 -41.42 -12.61 21.80
C LEU B 14 -40.21 -13.23 21.12
N LYS B 15 -39.04 -13.18 21.76
CA LYS B 15 -37.88 -13.85 21.20
C LYS B 15 -38.13 -15.35 21.05
N ASN B 16 -38.76 -15.96 22.06
CA ASN B 16 -39.11 -17.37 21.99
C ASN B 16 -40.08 -17.63 20.85
N GLN B 17 -41.07 -16.74 20.68
CA GLN B 17 -42.05 -16.92 19.61
C GLN B 17 -41.39 -16.85 18.24
N ILE B 18 -40.47 -15.91 18.04
CA ILE B 18 -39.80 -15.81 16.75
C ILE B 18 -38.87 -17.00 16.56
N ARG B 19 -38.27 -17.51 17.63
CA ARG B 19 -37.46 -18.72 17.49
C ARG B 19 -38.32 -19.89 17.04
N ASP B 20 -39.53 -20.01 17.61
CA ASP B 20 -40.45 -21.06 17.19
C ASP B 20 -40.85 -20.89 15.74
N ALA B 21 -41.11 -19.65 15.32
CA ALA B 21 -41.47 -19.42 13.92
C ALA B 21 -40.33 -19.82 12.99
N ARG B 22 -39.10 -19.45 13.35
CA ARG B 22 -37.95 -19.83 12.53
C ARG B 22 -37.79 -21.35 12.47
N LYS B 23 -37.98 -22.03 13.61
CA LYS B 23 -37.89 -23.48 13.62
C LYS B 23 -38.97 -24.11 12.75
N ALA B 24 -40.19 -23.57 12.81
CA ALA B 24 -41.28 -24.11 12.02
C ALA B 24 -41.02 -23.92 10.53
N CYS B 25 -40.49 -22.77 10.14
CA CYS B 25 -40.21 -22.51 8.74
C CYS B 25 -38.99 -23.27 8.22
N ALA B 26 -38.20 -23.86 9.10
CA ALA B 26 -37.00 -24.59 8.69
C ALA B 26 -37.32 -26.07 8.47
N ASP B 27 -38.19 -26.32 7.49
CA ASP B 27 -38.59 -27.69 7.19
C ASP B 27 -37.41 -28.52 6.67
N ALA B 28 -36.58 -27.93 5.81
CA ALA B 28 -35.42 -28.62 5.29
C ALA B 28 -34.41 -27.57 4.83
N THR B 29 -33.18 -27.68 5.34
CA THR B 29 -32.18 -26.65 5.09
C THR B 29 -31.70 -26.70 3.63
N LEU B 30 -30.79 -25.78 3.30
CA LEU B 30 -30.24 -25.72 1.95
C LEU B 30 -29.32 -26.89 1.65
N SER B 31 -28.83 -27.59 2.67
CA SER B 31 -27.88 -28.67 2.44
C SER B 31 -28.53 -29.84 1.70
N GLN B 32 -29.68 -30.31 2.18
CA GLN B 32 -30.31 -31.46 1.54
C GLN B 32 -30.86 -31.12 0.15
N ILE B 33 -31.37 -29.90 -0.03
CA ILE B 33 -31.94 -29.54 -1.33
C ILE B 33 -30.88 -29.45 -2.41
N THR B 34 -29.61 -29.29 -2.04
CA THR B 34 -28.51 -29.27 -2.99
C THR B 34 -27.64 -30.53 -2.88
N ASN B 35 -28.22 -31.63 -2.41
CA ASN B 35 -27.45 -32.86 -2.26
C ASN B 35 -27.00 -33.40 -3.62
N ASN B 36 -27.87 -33.35 -4.62
CA ASN B 36 -27.58 -33.88 -5.94
C ASN B 36 -27.09 -32.81 -6.93
N ILE B 37 -26.88 -31.58 -6.46
CA ILE B 37 -26.38 -30.52 -7.34
C ILE B 37 -24.95 -30.83 -7.76
N ASP B 38 -24.66 -30.58 -9.03
CA ASP B 38 -23.32 -30.82 -9.55
C ASP B 38 -22.30 -29.99 -8.78
N PRO B 39 -21.24 -30.61 -8.25
CA PRO B 39 -20.26 -29.83 -7.48
C PRO B 39 -19.57 -28.79 -8.35
N VAL B 40 -19.11 -27.73 -7.69
CA VAL B 40 -18.45 -26.63 -8.38
C VAL B 40 -17.18 -27.10 -9.07
N GLY B 41 -16.46 -28.03 -8.43
CA GLY B 41 -15.18 -28.48 -8.93
C GLY B 41 -14.04 -27.64 -8.39
N ARG B 42 -12.83 -28.16 -8.60
CA ARG B 42 -11.63 -27.48 -8.11
C ARG B 42 -11.41 -26.21 -8.91
N ILE B 43 -11.70 -25.05 -8.31
CA ILE B 43 -11.48 -23.77 -8.96
C ILE B 43 -10.06 -23.33 -8.66
N GLN B 44 -9.27 -23.10 -9.71
CA GLN B 44 -7.91 -22.63 -9.59
C GLN B 44 -7.82 -21.25 -10.20
N MET B 45 -7.07 -20.36 -9.56
CA MET B 45 -7.09 -18.95 -9.92
C MET B 45 -5.66 -18.46 -10.06
N ARG B 46 -5.47 -17.46 -10.92
CA ARG B 46 -4.15 -16.90 -11.17
C ARG B 46 -4.17 -15.41 -10.90
N THR B 47 -3.05 -14.92 -10.36
CA THR B 47 -2.85 -13.50 -10.14
C THR B 47 -2.56 -12.82 -11.46
N ARG B 48 -3.62 -12.41 -12.17
CA ARG B 48 -3.44 -11.81 -13.48
C ARG B 48 -2.74 -10.46 -13.39
N ARG B 49 -2.86 -9.76 -12.28
CA ARG B 49 -2.17 -8.49 -12.10
C ARG B 49 -1.99 -8.21 -10.63
N THR B 50 -0.81 -7.67 -10.29
CA THR B 50 -0.50 -7.25 -8.94
C THR B 50 -0.33 -5.74 -8.93
N LEU B 51 -1.12 -5.06 -8.10
CA LEU B 51 -1.12 -3.61 -8.03
C LEU B 51 -0.27 -3.20 -6.83
N ARG B 52 0.98 -2.81 -7.10
CA ARG B 52 1.90 -2.39 -6.06
C ARG B 52 2.09 -0.88 -6.10
N GLY B 53 2.46 -0.32 -4.96
CA GLY B 53 2.59 1.11 -4.84
C GLY B 53 2.18 1.62 -3.47
N HIS B 54 1.39 0.83 -2.76
CA HIS B 54 1.08 1.15 -1.37
C HIS B 54 2.28 0.86 -0.49
N LEU B 55 2.45 1.67 0.55
CA LEU B 55 3.58 1.55 1.47
C LEU B 55 3.12 1.31 2.90
N ALA B 56 1.95 0.70 3.06
CA ALA B 56 1.42 0.34 4.37
C ALA B 56 0.32 -0.69 4.17
N LYS B 57 -0.29 -1.12 5.26
CA LYS B 57 -1.31 -2.15 5.18
C LYS B 57 -2.56 -1.60 4.50
N ILE B 58 -3.01 -2.30 3.46
CA ILE B 58 -4.24 -1.93 2.76
C ILE B 58 -5.42 -2.44 3.58
N TYR B 59 -6.35 -1.54 3.90
CA TYR B 59 -7.47 -1.89 4.76
C TYR B 59 -8.79 -2.02 4.04
N ALA B 60 -8.96 -1.36 2.89
CA ALA B 60 -10.22 -1.44 2.17
C ALA B 60 -9.96 -1.30 0.68
N MET B 61 -10.94 -1.75 -0.10
CA MET B 61 -10.86 -1.69 -1.55
C MET B 61 -12.27 -1.84 -2.10
N HIS B 62 -12.67 -0.93 -2.99
CA HIS B 62 -13.95 -1.02 -3.64
C HIS B 62 -13.78 -0.94 -5.15
N TRP B 63 -14.58 -1.73 -5.85
CA TRP B 63 -14.53 -1.79 -7.31
C TRP B 63 -15.41 -0.69 -7.89
N GLY B 64 -14.96 -0.10 -9.00
CA GLY B 64 -15.80 0.81 -9.73
C GLY B 64 -16.93 0.10 -10.45
N THR B 65 -17.95 0.86 -10.82
CA THR B 65 -19.10 0.26 -11.49
C THR B 65 -18.73 -0.18 -12.91
N ASP B 66 -17.73 0.44 -13.51
CA ASP B 66 -17.27 0.03 -14.83
C ASP B 66 -16.48 -1.27 -14.81
N SER B 67 -16.20 -1.80 -13.62
CA SER B 67 -15.47 -3.04 -13.43
C SER B 67 -14.02 -2.96 -13.87
N ARG B 68 -13.51 -1.76 -14.05
CA ARG B 68 -12.12 -1.57 -14.43
C ARG B 68 -11.38 -0.63 -13.49
N LEU B 69 -12.03 0.42 -13.00
CA LEU B 69 -11.40 1.32 -12.05
C LEU B 69 -11.53 0.77 -10.65
N LEU B 70 -10.47 0.92 -9.86
CA LEU B 70 -10.41 0.36 -8.52
C LEU B 70 -9.95 1.44 -7.55
N VAL B 71 -10.40 1.35 -6.31
CA VAL B 71 -10.02 2.30 -5.27
C VAL B 71 -9.50 1.50 -4.08
N SER B 72 -8.32 1.89 -3.57
CA SER B 72 -7.68 1.21 -2.46
C SER B 72 -7.24 2.21 -1.41
N ALA B 73 -7.49 1.87 -0.15
CA ALA B 73 -7.14 2.71 0.99
C ALA B 73 -6.16 1.98 1.89
N SER B 74 -5.15 2.71 2.36
CA SER B 74 -4.13 2.12 3.23
C SER B 74 -3.70 3.14 4.27
N GLN B 75 -3.03 2.65 5.31
CA GLN B 75 -2.65 3.49 6.43
C GLN B 75 -1.57 4.50 6.10
N ASP B 76 -0.95 4.40 4.92
CA ASP B 76 0.01 5.42 4.52
C ASP B 76 -0.64 6.76 4.29
N GLY B 77 -1.97 6.82 4.23
CA GLY B 77 -2.67 8.07 4.06
C GLY B 77 -3.03 8.40 2.63
N LYS B 78 -3.04 7.43 1.73
CA LYS B 78 -3.30 7.69 0.32
C LYS B 78 -4.41 6.77 -0.17
N LEU B 79 -5.39 7.38 -0.85
CA LEU B 79 -6.44 6.65 -1.55
C LEU B 79 -6.01 6.56 -3.01
N ILE B 80 -5.64 5.37 -3.47
CA ILE B 80 -5.12 5.19 -4.81
C ILE B 80 -6.20 4.62 -5.70
N ILE B 81 -6.47 5.31 -6.81
CA ILE B 81 -7.38 4.82 -7.84
C ILE B 81 -6.53 4.24 -8.96
N TRP B 82 -6.72 2.94 -9.21
CA TRP B 82 -5.97 2.17 -10.17
C TRP B 82 -6.81 1.88 -11.41
N ASP B 83 -6.16 1.86 -12.56
CA ASP B 83 -6.71 1.26 -13.77
C ASP B 83 -6.28 -0.20 -13.76
N SER B 84 -7.17 -1.08 -13.32
CA SER B 84 -6.80 -2.47 -13.09
C SER B 84 -6.39 -3.17 -14.39
N TYR B 85 -6.92 -2.72 -15.53
CA TYR B 85 -6.60 -3.38 -16.80
C TYR B 85 -5.12 -3.25 -17.12
N THR B 86 -4.55 -2.08 -16.91
CA THR B 86 -3.17 -1.81 -17.30
C THR B 86 -2.26 -1.51 -16.12
N THR B 87 -2.73 -1.70 -14.89
CA THR B 87 -2.01 -1.45 -13.65
C THR B 87 -1.67 0.02 -13.46
N ASN B 88 -2.08 0.89 -14.38
CA ASN B 88 -1.83 2.32 -14.24
C ASN B 88 -2.58 2.85 -13.02
N LYS B 89 -1.95 3.79 -12.32
CA LYS B 89 -2.53 4.37 -11.12
C LYS B 89 -3.10 5.73 -11.48
N VAL B 90 -4.43 5.78 -11.61
CA VAL B 90 -5.09 6.99 -12.09
C VAL B 90 -4.93 8.13 -11.10
N HIS B 91 -5.15 7.86 -9.82
CA HIS B 91 -5.18 8.92 -8.83
C HIS B 91 -4.49 8.48 -7.54
N ALA B 92 -3.96 9.46 -6.80
CA ALA B 92 -3.45 9.24 -5.46
C ALA B 92 -3.89 10.42 -4.60
N ILE B 93 -5.05 10.28 -3.97
CA ILE B 93 -5.61 11.32 -3.12
C ILE B 93 -4.94 11.27 -1.76
N PRO B 94 -4.31 12.35 -1.31
CA PRO B 94 -3.70 12.35 0.03
C PRO B 94 -4.75 12.61 1.10
N LEU B 95 -4.98 11.60 1.94
CA LEU B 95 -6.01 11.70 2.96
C LEU B 95 -5.59 12.66 4.07
N ARG B 96 -6.57 13.38 4.62
CA ARG B 96 -6.28 14.27 5.74
C ARG B 96 -5.84 13.48 6.96
N SER B 97 -6.48 12.36 7.23
CA SER B 97 -6.10 11.46 8.32
C SER B 97 -5.65 10.14 7.72
N SER B 98 -4.45 9.69 8.10
CA SER B 98 -3.91 8.45 7.55
C SER B 98 -4.64 7.22 8.04
N TRP B 99 -5.49 7.34 9.05
CA TRP B 99 -6.19 6.19 9.61
C TRP B 99 -7.48 5.97 8.83
N VAL B 100 -7.44 5.04 7.90
CA VAL B 100 -8.58 4.71 7.05
C VAL B 100 -8.81 3.21 7.09
N MET B 101 -10.07 2.81 7.27
CA MET B 101 -10.42 1.41 7.20
C MET B 101 -11.60 1.12 6.29
N THR B 102 -12.09 2.11 5.55
CA THR B 102 -13.13 1.86 4.56
C THR B 102 -12.98 2.85 3.42
N CYS B 103 -13.39 2.40 2.23
CA CYS B 103 -13.40 3.23 1.04
C CYS B 103 -14.50 2.73 0.12
N ALA B 104 -15.03 3.63 -0.70
CA ALA B 104 -16.13 3.26 -1.58
C ALA B 104 -16.02 4.04 -2.88
N TYR B 105 -16.46 3.41 -3.97
CA TYR B 105 -16.57 4.05 -5.27
C TYR B 105 -18.04 4.37 -5.53
N ALA B 106 -18.32 5.63 -5.82
CA ALA B 106 -19.68 6.01 -6.15
C ALA B 106 -20.12 5.30 -7.43
N PRO B 107 -21.40 4.95 -7.54
CA PRO B 107 -21.85 4.23 -8.75
C PRO B 107 -21.60 5.00 -10.04
N SER B 108 -21.72 6.33 -10.00
CA SER B 108 -21.42 7.13 -11.16
C SER B 108 -19.92 7.27 -11.41
N GLY B 109 -19.11 6.97 -10.40
CA GLY B 109 -17.67 7.14 -10.52
C GLY B 109 -17.18 8.54 -10.30
N ASN B 110 -18.06 9.48 -9.97
CA ASN B 110 -17.65 10.86 -9.76
C ASN B 110 -17.11 11.13 -8.38
N TYR B 111 -17.31 10.24 -7.42
CA TYR B 111 -16.89 10.47 -6.05
C TYR B 111 -16.30 9.19 -5.47
N VAL B 112 -15.45 9.36 -4.46
CA VAL B 112 -14.93 8.25 -3.68
C VAL B 112 -15.08 8.60 -2.21
N ALA B 113 -15.51 7.63 -1.41
CA ALA B 113 -15.69 7.80 0.02
C ALA B 113 -14.48 7.25 0.76
N CYS B 114 -14.10 7.93 1.84
CA CYS B 114 -13.01 7.49 2.69
C CYS B 114 -13.44 7.64 4.14
N GLY B 115 -13.14 6.64 4.96
CA GLY B 115 -13.55 6.69 6.34
C GLY B 115 -12.58 5.92 7.21
N GLY B 116 -12.47 6.34 8.47
CA GLY B 116 -11.56 5.68 9.38
C GLY B 116 -11.78 6.04 10.83
N LEU B 117 -10.69 6.15 11.58
CA LEU B 117 -10.76 6.40 13.01
C LEU B 117 -10.97 7.86 13.34
N ASP B 118 -11.05 8.74 12.33
CA ASP B 118 -11.35 10.14 12.56
C ASP B 118 -12.85 10.40 12.72
N ASN B 119 -13.68 9.37 12.58
CA ASN B 119 -15.13 9.46 12.69
C ASN B 119 -15.73 10.39 11.64
N ILE B 120 -15.02 10.62 10.54
CA ILE B 120 -15.45 11.54 9.49
C ILE B 120 -15.41 10.80 8.16
N CYS B 121 -16.49 10.91 7.40
CA CYS B 121 -16.55 10.33 6.06
C CYS B 121 -16.21 11.44 5.05
N SER B 122 -15.06 11.33 4.42
CA SER B 122 -14.61 12.30 3.44
C SER B 122 -15.04 11.84 2.04
N ILE B 123 -15.87 12.64 1.40
CA ILE B 123 -16.29 12.40 0.03
C ILE B 123 -15.42 13.26 -0.88
N TYR B 124 -14.65 12.61 -1.74
CA TYR B 124 -13.73 13.26 -2.65
C TYR B 124 -14.34 13.27 -4.05
N ASN B 125 -14.30 14.43 -4.71
CA ASN B 125 -14.88 14.61 -6.03
C ASN B 125 -13.80 14.42 -7.08
N LEU B 126 -13.89 13.33 -7.84
CA LEU B 126 -12.88 13.04 -8.85
C LEU B 126 -12.99 13.98 -10.04
N LYS B 127 -14.21 14.20 -10.54
CA LYS B 127 -14.43 14.99 -11.75
C LYS B 127 -14.50 16.46 -11.36
N THR B 128 -13.42 17.19 -11.66
CA THR B 128 -13.36 18.62 -11.40
C THR B 128 -12.75 19.31 -12.60
N ARG B 129 -13.06 20.60 -12.74
CA ARG B 129 -12.42 21.40 -13.79
C ARG B 129 -10.91 21.45 -13.57
N GLU B 130 -10.49 21.63 -12.32
CA GLU B 130 -9.09 21.50 -11.96
C GLU B 130 -8.77 20.02 -11.77
N GLY B 131 -7.72 19.54 -12.41
CA GLY B 131 -7.43 18.12 -12.43
C GLY B 131 -6.81 17.57 -11.16
N ASN B 132 -7.34 17.98 -10.01
CA ASN B 132 -6.91 17.44 -8.73
C ASN B 132 -8.14 17.06 -7.93
N VAL B 133 -8.11 15.88 -7.32
CA VAL B 133 -9.23 15.42 -6.51
C VAL B 133 -9.27 16.23 -5.23
N ARG B 134 -10.43 16.84 -4.95
CA ARG B 134 -10.61 17.68 -3.79
C ARG B 134 -11.62 17.06 -2.84
N VAL B 135 -11.60 17.52 -1.59
CA VAL B 135 -12.51 17.04 -0.56
C VAL B 135 -13.86 17.72 -0.81
N SER B 136 -14.76 17.01 -1.48
CA SER B 136 -16.08 17.56 -1.74
C SER B 136 -16.86 17.78 -0.46
N ARG B 137 -16.79 16.83 0.48
CA ARG B 137 -17.59 16.93 1.69
C ARG B 137 -16.90 16.18 2.83
N GLU B 138 -17.12 16.67 4.05
CA GLU B 138 -16.63 16.01 5.27
C GLU B 138 -17.83 15.75 6.17
N LEU B 139 -18.48 14.60 5.97
CA LEU B 139 -19.64 14.24 6.77
C LEU B 139 -19.19 13.84 8.17
N ALA B 140 -19.72 14.53 9.17
CA ALA B 140 -19.35 14.30 10.56
C ALA B 140 -20.60 14.25 11.41
N GLY B 141 -20.50 13.58 12.55
CA GLY B 141 -21.64 13.33 13.41
C GLY B 141 -21.56 11.99 14.06
N HIS B 142 -20.83 11.06 13.45
CA HIS B 142 -20.51 9.80 14.11
C HIS B 142 -19.47 10.04 15.19
N THR B 143 -19.64 9.38 16.33
CA THR B 143 -18.67 9.45 17.42
C THR B 143 -17.87 8.17 17.56
N GLY B 144 -18.00 7.25 16.61
CA GLY B 144 -17.20 6.05 16.59
C GLY B 144 -16.55 5.84 15.24
N TYR B 145 -15.57 4.95 15.22
CA TYR B 145 -14.81 4.70 13.99
C TYR B 145 -15.72 4.21 12.87
N LEU B 146 -15.51 4.74 11.67
CA LEU B 146 -16.30 4.34 10.51
C LEU B 146 -15.71 3.06 9.93
N SER B 147 -16.54 2.02 9.84
CA SER B 147 -16.08 0.72 9.37
C SER B 147 -16.40 0.45 7.92
N CYS B 148 -17.50 1.01 7.39
CA CYS B 148 -17.87 0.76 6.01
C CYS B 148 -18.71 1.91 5.49
N CYS B 149 -18.48 2.28 4.23
CA CYS B 149 -19.25 3.31 3.54
C CYS B 149 -19.68 2.76 2.20
N ARG B 150 -20.91 3.09 1.80
CA ARG B 150 -21.44 2.66 0.51
C ARG B 150 -22.29 3.78 -0.06
N PHE B 151 -21.91 4.27 -1.24
CA PHE B 151 -22.71 5.25 -1.94
C PHE B 151 -24.01 4.64 -2.43
N LEU B 152 -25.02 5.49 -2.63
CA LEU B 152 -26.28 5.05 -3.20
C LEU B 152 -26.59 5.71 -4.53
N ASP B 153 -26.74 7.04 -4.56
CA ASP B 153 -27.11 7.74 -5.77
C ASP B 153 -26.34 9.04 -5.93
N ASP B 154 -25.06 9.04 -5.56
CA ASP B 154 -24.14 10.18 -5.65
C ASP B 154 -24.52 11.30 -4.70
N ASN B 155 -25.62 11.19 -3.97
CA ASN B 155 -26.03 12.21 -3.01
C ASN B 155 -26.42 11.65 -1.67
N GLN B 156 -26.63 10.34 -1.55
CA GLN B 156 -26.92 9.69 -0.28
C GLN B 156 -25.88 8.59 -0.07
N ILE B 157 -25.29 8.56 1.12
CA ILE B 157 -24.31 7.55 1.48
C ILE B 157 -24.65 6.97 2.84
N VAL B 158 -24.54 5.65 2.98
CA VAL B 158 -24.79 4.97 4.25
C VAL B 158 -23.44 4.60 4.86
N THR B 159 -23.21 5.03 6.08
CA THR B 159 -21.96 4.80 6.79
C THR B 159 -22.24 4.11 8.12
N SER B 160 -21.61 2.97 8.34
CA SER B 160 -21.69 2.25 9.61
C SER B 160 -20.50 2.62 10.47
N SER B 161 -20.75 2.92 11.74
CA SER B 161 -19.69 3.40 12.61
C SER B 161 -19.50 2.47 13.81
N GLY B 162 -18.57 2.86 14.67
CA GLY B 162 -18.34 2.17 15.92
C GLY B 162 -19.28 2.56 17.04
N ASP B 163 -20.21 3.47 16.76
CA ASP B 163 -21.24 3.87 17.71
C ASP B 163 -22.38 2.88 17.80
N THR B 164 -22.22 1.67 17.27
CA THR B 164 -23.30 0.70 17.12
C THR B 164 -24.42 1.25 16.26
N THR B 165 -24.11 2.20 15.38
CA THR B 165 -25.12 2.89 14.59
C THR B 165 -24.66 2.99 13.14
N CYS B 166 -25.63 2.98 12.24
CA CYS B 166 -25.43 3.37 10.86
C CYS B 166 -26.14 4.70 10.62
N ALA B 167 -25.74 5.40 9.56
CA ALA B 167 -26.28 6.71 9.28
C ALA B 167 -26.43 6.90 7.78
N LEU B 168 -27.56 7.48 7.36
CA LEU B 168 -27.78 7.86 5.98
C LEU B 168 -27.55 9.35 5.84
N TRP B 169 -26.59 9.72 5.00
CA TRP B 169 -26.12 11.08 4.84
C TRP B 169 -26.56 11.61 3.49
N ASP B 170 -27.10 12.82 3.49
CA ASP B 170 -27.32 13.57 2.26
C ASP B 170 -26.07 14.41 2.04
N ILE B 171 -25.35 14.12 0.95
CA ILE B 171 -24.04 14.73 0.74
C ILE B 171 -24.15 16.24 0.62
N GLU B 172 -25.15 16.72 -0.12
CA GLU B 172 -25.25 18.15 -0.38
C GLU B 172 -25.41 18.95 0.91
N THR B 173 -26.34 18.53 1.77
CA THR B 173 -26.53 19.24 3.03
C THR B 173 -25.46 18.88 4.06
N GLY B 174 -24.95 17.66 4.01
CA GLY B 174 -23.99 17.21 4.99
C GLY B 174 -24.58 16.76 6.29
N GLN B 175 -25.89 16.56 6.36
CA GLN B 175 -26.58 16.19 7.59
C GLN B 175 -27.02 14.73 7.53
N GLN B 176 -27.39 14.22 8.70
CA GLN B 176 -27.79 12.82 8.86
C GLN B 176 -29.29 12.72 8.62
N THR B 177 -29.68 12.15 7.48
CA THR B 177 -31.10 12.02 7.17
C THR B 177 -31.78 11.04 8.12
N THR B 178 -31.22 9.85 8.28
CA THR B 178 -31.76 8.85 9.19
C THR B 178 -30.64 8.20 9.96
N THR B 179 -30.94 7.83 11.21
CA THR B 179 -30.01 7.12 12.08
C THR B 179 -30.57 5.73 12.33
N PHE B 180 -29.79 4.71 11.95
CA PHE B 180 -30.16 3.32 12.14
C PHE B 180 -29.50 2.82 13.42
N THR B 181 -30.31 2.61 14.46
CA THR B 181 -29.84 2.18 15.76
C THR B 181 -30.52 0.88 16.17
N GLY B 182 -29.86 0.13 17.03
CA GLY B 182 -30.40 -1.14 17.48
C GLY B 182 -29.35 -2.20 17.71
N HIS B 183 -28.16 -2.02 17.15
CA HIS B 183 -27.08 -2.97 17.40
C HIS B 183 -26.51 -2.78 18.79
N THR B 184 -26.24 -3.90 19.47
CA THR B 184 -25.60 -3.83 20.77
C THR B 184 -24.14 -3.45 20.65
N GLY B 185 -23.42 -4.06 19.70
CA GLY B 185 -22.02 -3.79 19.49
C GLY B 185 -21.79 -2.93 18.24
N ASP B 186 -20.54 -2.51 18.08
CA ASP B 186 -20.18 -1.63 16.98
C ASP B 186 -20.25 -2.38 15.65
N VAL B 187 -20.88 -1.74 14.67
CA VAL B 187 -21.03 -2.35 13.35
C VAL B 187 -19.70 -2.30 12.61
N MET B 188 -19.32 -3.43 12.02
CA MET B 188 -18.02 -3.54 11.38
C MET B 188 -18.06 -3.63 9.86
N SER B 189 -19.24 -3.83 9.27
CA SER B 189 -19.32 -3.91 7.82
C SER B 189 -20.74 -3.58 7.39
N LEU B 190 -20.90 -3.30 6.11
CA LEU B 190 -22.15 -2.76 5.59
C LEU B 190 -22.27 -3.10 4.12
N SER B 191 -23.40 -3.70 3.73
CA SER B 191 -23.64 -4.08 2.35
C SER B 191 -25.01 -3.59 1.92
N LEU B 192 -25.13 -3.26 0.63
CA LEU B 192 -26.34 -2.67 0.08
C LEU B 192 -26.99 -3.64 -0.89
N ALA B 193 -28.32 -3.74 -0.81
CA ALA B 193 -29.05 -4.58 -1.74
C ALA B 193 -28.95 -4.01 -3.16
N PRO B 194 -28.99 -4.87 -4.18
CA PRO B 194 -28.94 -4.36 -5.55
C PRO B 194 -30.06 -3.40 -5.91
N ASP B 195 -31.23 -3.54 -5.27
CA ASP B 195 -32.34 -2.63 -5.53
C ASP B 195 -32.26 -1.36 -4.70
N THR B 196 -31.18 -1.18 -3.93
CA THR B 196 -30.91 -0.04 -3.05
C THR B 196 -32.12 0.36 -2.20
N ARG B 197 -33.02 -0.61 -1.95
CA ARG B 197 -34.15 -0.38 -1.05
C ARG B 197 -33.79 -0.66 0.40
N LEU B 198 -32.89 -1.61 0.63
CA LEU B 198 -32.54 -2.07 1.96
C LEU B 198 -31.03 -2.21 2.08
N PHE B 199 -30.55 -2.28 3.31
CA PHE B 199 -29.14 -2.55 3.54
C PHE B 199 -28.95 -3.33 4.82
N VAL B 200 -27.99 -4.26 4.82
CA VAL B 200 -27.73 -5.15 5.93
C VAL B 200 -26.35 -4.86 6.48
N SER B 201 -26.26 -4.75 7.81
CA SER B 201 -24.99 -4.47 8.48
C SER B 201 -24.81 -5.41 9.65
N GLY B 202 -23.59 -5.92 9.83
CA GLY B 202 -23.26 -6.83 10.91
C GLY B 202 -22.34 -6.16 11.93
N ALA B 203 -22.51 -6.52 13.19
CA ALA B 203 -21.78 -5.85 14.26
C ALA B 203 -20.99 -6.84 15.10
N CYS B 204 -20.38 -6.33 16.17
CA CYS B 204 -19.61 -7.13 17.10
C CYS B 204 -20.47 -7.88 18.10
N ASP B 205 -21.77 -7.61 18.12
CA ASP B 205 -22.70 -8.36 18.95
C ASP B 205 -23.14 -9.67 18.32
N ALA B 206 -22.38 -10.16 17.34
CA ALA B 206 -22.65 -11.44 16.66
C ALA B 206 -24.04 -11.47 16.04
N SER B 207 -24.45 -10.34 15.46
CA SER B 207 -25.73 -10.26 14.79
C SER B 207 -25.63 -9.29 13.61
N ALA B 208 -26.48 -9.53 12.61
CA ALA B 208 -26.56 -8.67 11.44
C ALA B 208 -28.01 -8.24 11.28
N LYS B 209 -28.21 -6.94 11.09
CA LYS B 209 -29.55 -6.38 10.98
C LYS B 209 -29.79 -5.84 9.59
N LEU B 210 -31.00 -6.10 9.09
CA LEU B 210 -31.45 -5.64 7.79
C LEU B 210 -32.41 -4.47 8.00
N TRP B 211 -32.08 -3.33 7.39
CA TRP B 211 -32.85 -2.09 7.55
C TRP B 211 -33.38 -1.63 6.21
N ASP B 212 -34.49 -0.91 6.27
CA ASP B 212 -35.00 -0.17 5.12
C ASP B 212 -34.36 1.21 5.14
N VAL B 213 -33.86 1.64 3.99
CA VAL B 213 -33.09 2.89 3.92
C VAL B 213 -33.95 4.13 4.16
N ARG B 214 -35.18 4.17 3.66
CA ARG B 214 -36.00 5.38 3.79
C ARG B 214 -36.89 5.39 5.03
N GLU B 215 -37.36 4.24 5.49
CA GLU B 215 -38.12 4.22 6.73
C GLU B 215 -37.24 4.45 7.95
N GLY B 216 -36.01 3.94 7.92
CA GLY B 216 -35.07 4.18 9.00
C GLY B 216 -35.27 3.33 10.23
N MET B 217 -35.84 2.14 10.08
CA MET B 217 -36.06 1.25 11.20
C MET B 217 -35.57 -0.15 10.85
N CYS B 218 -35.12 -0.88 11.86
CA CYS B 218 -34.57 -2.22 11.67
C CYS B 218 -35.67 -3.18 11.27
N ARG B 219 -35.67 -3.59 10.00
CA ARG B 219 -36.72 -4.50 9.53
C ARG B 219 -36.53 -5.89 10.13
N GLN B 220 -35.31 -6.43 10.09
CA GLN B 220 -35.07 -7.77 10.60
C GLN B 220 -33.73 -7.82 11.31
N THR B 221 -33.59 -8.83 12.17
CA THR B 221 -32.31 -9.10 12.84
C THR B 221 -32.02 -10.60 12.76
N PHE B 222 -30.77 -10.93 12.46
CA PHE B 222 -30.34 -12.30 12.27
C PHE B 222 -29.16 -12.57 13.19
N THR B 223 -29.18 -13.76 13.80
CA THR B 223 -28.14 -14.16 14.73
C THR B 223 -27.79 -15.62 14.48
N GLY B 224 -26.74 -16.09 15.14
CA GLY B 224 -26.27 -17.44 14.96
C GLY B 224 -24.76 -17.53 15.04
N HIS B 225 -24.10 -16.38 14.91
CA HIS B 225 -22.65 -16.33 15.04
C HIS B 225 -22.24 -16.27 16.51
N GLU B 226 -20.98 -16.60 16.76
CA GLU B 226 -20.45 -16.63 18.11
C GLU B 226 -19.48 -15.51 18.41
N SER B 227 -19.03 -14.77 17.40
CA SER B 227 -18.09 -13.67 17.59
C SER B 227 -18.52 -12.51 16.72
N ASP B 228 -17.68 -11.47 16.68
CA ASP B 228 -18.02 -10.27 15.96
C ASP B 228 -18.09 -10.50 14.44
N ILE B 229 -19.04 -9.85 13.80
CA ILE B 229 -19.20 -9.94 12.35
C ILE B 229 -18.28 -8.90 11.72
N ASN B 230 -17.19 -9.37 11.12
CA ASN B 230 -16.22 -8.47 10.51
C ASN B 230 -16.51 -8.18 9.05
N ALA B 231 -17.47 -8.88 8.45
CA ALA B 231 -17.73 -8.72 7.02
C ALA B 231 -19.18 -9.03 6.73
N ILE B 232 -19.69 -8.40 5.67
CA ILE B 232 -21.05 -8.61 5.21
C ILE B 232 -21.04 -8.44 3.69
N CYS B 233 -21.92 -9.16 3.01
CA CYS B 233 -22.03 -9.05 1.56
C CYS B 233 -23.41 -9.53 1.14
N PHE B 234 -24.02 -8.79 0.22
CA PHE B 234 -25.35 -9.12 -0.26
C PHE B 234 -25.26 -10.13 -1.40
N PHE B 235 -26.17 -11.08 -1.40
CA PHE B 235 -26.33 -11.95 -2.55
C PHE B 235 -26.81 -11.11 -3.74
N PRO B 236 -26.37 -11.43 -4.97
CA PRO B 236 -26.82 -10.64 -6.13
C PRO B 236 -28.32 -10.71 -6.35
N ASN B 237 -28.99 -11.75 -5.83
CA ASN B 237 -30.45 -11.77 -5.92
C ASN B 237 -31.08 -10.65 -5.11
N GLY B 238 -30.41 -10.21 -4.05
CA GLY B 238 -30.94 -9.17 -3.19
C GLY B 238 -31.78 -9.66 -2.03
N ASN B 239 -32.05 -10.96 -1.94
CA ASN B 239 -32.83 -11.53 -0.85
C ASN B 239 -32.01 -12.50 -0.01
N ALA B 240 -30.71 -12.28 0.08
CA ALA B 240 -29.84 -13.09 0.93
C ALA B 240 -28.55 -12.32 1.16
N PHE B 241 -27.81 -12.73 2.19
CA PHE B 241 -26.54 -12.09 2.50
C PHE B 241 -25.71 -13.02 3.35
N ALA B 242 -24.39 -12.90 3.21
CA ALA B 242 -23.43 -13.73 3.91
C ALA B 242 -22.63 -12.90 4.91
N THR B 243 -22.25 -13.55 6.01
CA THR B 243 -21.50 -12.91 7.09
C THR B 243 -20.23 -13.68 7.36
N GLY B 244 -19.14 -12.96 7.53
CA GLY B 244 -17.88 -13.52 8.00
C GLY B 244 -17.57 -12.97 9.38
N SER B 245 -17.06 -13.82 10.27
CA SER B 245 -16.84 -13.45 11.65
C SER B 245 -15.43 -13.82 12.08
N ASP B 246 -15.07 -13.41 13.30
CA ASP B 246 -13.80 -13.85 13.87
C ASP B 246 -13.78 -15.36 14.07
N ASP B 247 -14.91 -15.94 14.43
CA ASP B 247 -15.05 -17.38 14.34
C ASP B 247 -14.94 -17.77 12.86
N ALA B 248 -14.18 -18.82 12.59
CA ALA B 248 -13.85 -19.19 11.21
C ALA B 248 -15.05 -19.84 10.52
N THR B 249 -16.12 -19.07 10.43
CA THR B 249 -17.37 -19.51 9.81
C THR B 249 -17.93 -18.38 8.96
N CYS B 250 -18.49 -18.73 7.81
CA CYS B 250 -19.25 -17.80 7.00
C CYS B 250 -20.68 -18.29 6.91
N ARG B 251 -21.63 -17.50 7.37
CA ARG B 251 -23.01 -17.93 7.50
C ARG B 251 -23.89 -17.15 6.53
N LEU B 252 -24.78 -17.86 5.83
CA LEU B 252 -25.65 -17.25 4.83
C LEU B 252 -27.07 -17.18 5.37
N PHE B 253 -27.56 -15.97 5.57
CA PHE B 253 -28.94 -15.73 5.99
C PHE B 253 -29.71 -15.11 4.83
N ASP B 254 -30.89 -15.65 4.54
CA ASP B 254 -31.75 -15.01 3.56
C ASP B 254 -32.85 -14.21 4.25
N LEU B 255 -33.32 -13.18 3.56
CA LEU B 255 -34.19 -12.20 4.19
C LEU B 255 -35.61 -12.70 4.40
N ARG B 256 -36.09 -13.58 3.53
CA ARG B 256 -37.47 -14.05 3.64
C ARG B 256 -37.63 -15.05 4.78
N ALA B 257 -36.60 -15.85 5.04
CA ALA B 257 -36.59 -16.79 6.16
C ALA B 257 -35.40 -16.42 7.05
N ASP B 258 -35.70 -15.87 8.22
CA ASP B 258 -34.66 -15.21 9.01
C ASP B 258 -33.51 -16.15 9.38
N GLN B 259 -33.83 -17.38 9.77
CA GLN B 259 -32.79 -18.27 10.25
C GLN B 259 -31.79 -18.60 9.14
N GLU B 260 -30.55 -18.87 9.55
CA GLU B 260 -29.46 -19.07 8.61
C GLU B 260 -29.71 -20.29 7.74
N LEU B 261 -29.14 -20.26 6.53
CA LEU B 261 -29.30 -21.35 5.58
C LEU B 261 -28.16 -22.35 5.69
N MET B 262 -26.92 -21.90 5.51
CA MET B 262 -25.75 -22.74 5.65
C MET B 262 -24.65 -21.97 6.36
N THR B 263 -23.73 -22.74 6.93
CA THR B 263 -22.48 -22.20 7.48
C THR B 263 -21.31 -22.93 6.84
N TYR B 264 -20.31 -22.16 6.44
CA TYR B 264 -19.11 -22.68 5.79
C TYR B 264 -17.98 -22.60 6.79
N SER B 265 -17.38 -23.76 7.09
CA SER B 265 -16.29 -23.85 8.05
C SER B 265 -15.51 -25.13 7.77
N HIS B 266 -14.30 -25.17 8.32
CA HIS B 266 -13.44 -26.34 8.19
C HIS B 266 -12.64 -26.48 9.47
N ASP B 267 -12.15 -27.69 9.71
CA ASP B 267 -11.34 -27.92 10.90
C ASP B 267 -9.98 -27.25 10.79
N ASN B 268 -9.50 -27.02 9.56
CA ASN B 268 -8.16 -26.47 9.38
C ASN B 268 -8.11 -24.99 9.75
N ILE B 269 -9.08 -24.21 9.30
CA ILE B 269 -9.02 -22.76 9.47
C ILE B 269 -9.58 -22.36 10.83
N ILE B 270 -8.79 -21.61 11.59
CA ILE B 270 -9.17 -21.18 12.93
C ILE B 270 -9.29 -19.67 13.04
N CYS B 271 -8.76 -18.91 12.09
CA CYS B 271 -8.65 -17.47 12.23
C CYS B 271 -9.98 -16.79 11.93
N GLY B 272 -9.95 -15.47 11.76
CA GLY B 272 -11.16 -14.69 11.55
C GLY B 272 -11.27 -14.21 10.12
N ILE B 273 -12.50 -14.25 9.60
CA ILE B 273 -12.77 -13.73 8.26
C ILE B 273 -12.75 -12.21 8.30
N THR B 274 -12.01 -11.61 7.37
CA THR B 274 -11.86 -10.17 7.30
C THR B 274 -12.81 -9.50 6.32
N SER B 275 -13.07 -10.13 5.18
CA SER B 275 -13.96 -9.57 4.19
C SER B 275 -14.63 -10.70 3.43
N VAL B 276 -15.84 -10.45 2.93
CA VAL B 276 -16.61 -11.44 2.18
C VAL B 276 -17.20 -10.75 0.96
N SER B 277 -17.18 -11.45 -0.17
CA SER B 277 -17.81 -10.94 -1.38
C SER B 277 -18.32 -12.09 -2.22
N PHE B 278 -19.53 -11.93 -2.76
CA PHE B 278 -20.11 -12.96 -3.59
C PHE B 278 -19.63 -12.83 -5.03
N SER B 279 -19.92 -13.85 -5.83
CA SER B 279 -19.73 -13.79 -7.27
C SER B 279 -21.03 -13.35 -7.93
N LYS B 280 -20.96 -13.07 -9.24
CA LYS B 280 -22.12 -12.57 -9.94
C LYS B 280 -23.25 -13.60 -9.98
N SER B 281 -22.91 -14.87 -10.20
CA SER B 281 -23.93 -15.91 -10.20
C SER B 281 -24.37 -16.30 -8.80
N GLY B 282 -23.67 -15.84 -7.77
CA GLY B 282 -23.97 -16.23 -6.41
C GLY B 282 -23.54 -17.63 -6.04
N ARG B 283 -22.96 -18.37 -6.97
CA ARG B 283 -22.51 -19.72 -6.68
C ARG B 283 -21.24 -19.75 -5.84
N LEU B 284 -20.40 -18.72 -5.97
CA LEU B 284 -19.14 -18.66 -5.26
C LEU B 284 -19.15 -17.55 -4.24
N LEU B 285 -18.58 -17.82 -3.07
CA LEU B 285 -18.49 -16.87 -1.97
C LEU B 285 -17.03 -16.80 -1.57
N LEU B 286 -16.39 -15.66 -1.82
CA LEU B 286 -14.97 -15.53 -1.60
C LEU B 286 -14.75 -14.74 -0.32
N ALA B 287 -14.09 -15.37 0.66
CA ALA B 287 -13.87 -14.76 1.96
C ALA B 287 -12.38 -14.72 2.25
N GLY B 288 -11.89 -13.53 2.60
CA GLY B 288 -10.54 -13.41 3.08
C GLY B 288 -10.42 -13.85 4.53
N TYR B 289 -9.22 -14.32 4.89
CA TYR B 289 -8.97 -14.84 6.23
C TYR B 289 -7.70 -14.20 6.78
N ASP B 290 -7.38 -14.57 8.02
CA ASP B 290 -6.11 -14.19 8.65
C ASP B 290 -5.03 -15.23 8.45
N ASP B 291 -5.30 -16.30 7.69
CA ASP B 291 -4.27 -17.24 7.28
C ASP B 291 -3.42 -16.71 6.15
N PHE B 292 -3.48 -15.40 5.90
CA PHE B 292 -2.71 -14.75 4.84
C PHE B 292 -3.16 -15.22 3.46
N ASN B 293 -4.40 -15.66 3.37
CA ASN B 293 -4.95 -16.13 2.10
C ASN B 293 -6.47 -16.07 2.18
N CYS B 294 -7.11 -16.12 1.03
CA CYS B 294 -8.56 -16.11 0.92
C CYS B 294 -9.05 -17.43 0.34
N ASN B 295 -10.28 -17.78 0.66
CA ASN B 295 -10.86 -19.05 0.26
C ASN B 295 -12.16 -18.82 -0.50
N VAL B 296 -12.34 -19.58 -1.57
CA VAL B 296 -13.53 -19.56 -2.40
C VAL B 296 -14.39 -20.75 -1.99
N TRP B 297 -15.53 -20.47 -1.37
CA TRP B 297 -16.49 -21.49 -0.98
C TRP B 297 -17.59 -21.59 -2.01
N ASP B 298 -18.17 -22.77 -2.13
CA ASP B 298 -19.35 -22.97 -2.94
C ASP B 298 -20.59 -22.79 -2.05
N ALA B 299 -21.37 -21.75 -2.34
CA ALA B 299 -22.44 -21.36 -1.43
C ALA B 299 -23.52 -22.45 -1.33
N LEU B 300 -23.81 -23.12 -2.45
CA LEU B 300 -24.93 -24.06 -2.47
C LEU B 300 -24.58 -25.36 -1.76
N LYS B 301 -23.32 -25.79 -1.81
CA LYS B 301 -22.91 -27.06 -1.25
C LYS B 301 -22.01 -26.93 -0.04
N ALA B 302 -21.59 -25.71 0.31
CA ALA B 302 -20.78 -25.46 1.51
C ALA B 302 -19.46 -26.21 1.48
N ASP B 303 -18.95 -26.51 0.29
CA ASP B 303 -17.68 -27.18 0.12
C ASP B 303 -16.66 -26.20 -0.43
N ARG B 304 -15.49 -26.14 0.19
CA ARG B 304 -14.45 -25.21 -0.21
C ARG B 304 -14.04 -25.45 -1.66
N ALA B 305 -14.36 -24.50 -2.54
CA ALA B 305 -14.04 -24.67 -3.95
C ALA B 305 -12.56 -24.47 -4.23
N GLY B 306 -11.94 -23.47 -3.60
CA GLY B 306 -10.55 -23.18 -3.91
C GLY B 306 -9.91 -22.29 -2.87
N VAL B 307 -8.61 -22.10 -3.03
CA VAL B 307 -7.84 -21.26 -2.14
C VAL B 307 -6.91 -20.38 -2.97
N LEU B 308 -6.96 -19.07 -2.74
CA LEU B 308 -6.09 -18.12 -3.42
C LEU B 308 -4.97 -17.69 -2.48
N ALA B 309 -3.98 -18.58 -2.33
CA ALA B 309 -2.85 -18.32 -1.45
C ALA B 309 -1.82 -17.50 -2.20
N GLY B 310 -1.85 -16.19 -2.03
CA GLY B 310 -0.92 -15.33 -2.74
C GLY B 310 -0.43 -14.12 -1.98
N HIS B 311 -0.76 -14.03 -0.69
CA HIS B 311 -0.38 -12.89 0.12
C HIS B 311 0.42 -13.35 1.33
N ASP B 312 1.30 -12.48 1.82
CA ASP B 312 2.12 -12.77 2.98
C ASP B 312 1.59 -12.11 4.25
N ASN B 313 0.38 -11.57 4.22
CA ASN B 313 -0.25 -11.00 5.40
C ASN B 313 -1.76 -11.12 5.26
N ARG B 314 -2.48 -10.58 6.23
CA ARG B 314 -3.93 -10.71 6.26
C ARG B 314 -4.57 -10.16 5.00
N VAL B 315 -5.45 -10.96 4.40
CA VAL B 315 -6.30 -10.48 3.31
C VAL B 315 -7.36 -9.57 3.93
N SER B 316 -7.22 -8.27 3.73
CA SER B 316 -8.09 -7.31 4.42
C SER B 316 -9.34 -6.97 3.63
N CYS B 317 -9.25 -6.90 2.30
CA CYS B 317 -10.40 -6.49 1.49
C CYS B 317 -10.54 -7.41 0.29
N LEU B 318 -11.78 -7.75 -0.04
CA LEU B 318 -12.11 -8.57 -1.19
C LEU B 318 -13.24 -7.91 -1.96
N GLY B 319 -13.11 -7.90 -3.28
CA GLY B 319 -14.15 -7.34 -4.13
C GLY B 319 -14.24 -8.11 -5.43
N VAL B 320 -15.43 -8.11 -6.01
CA VAL B 320 -15.70 -8.81 -7.26
C VAL B 320 -16.29 -7.81 -8.24
N THR B 321 -15.78 -7.81 -9.47
CA THR B 321 -16.26 -6.89 -10.49
C THR B 321 -17.73 -7.15 -10.80
N ASP B 322 -18.42 -6.09 -11.22
CA ASP B 322 -19.85 -6.20 -11.50
C ASP B 322 -20.16 -7.13 -12.67
N ASP B 323 -19.20 -7.38 -13.55
CA ASP B 323 -19.38 -8.34 -14.62
C ASP B 323 -18.82 -9.72 -14.26
N GLY B 324 -18.25 -9.87 -13.06
CA GLY B 324 -17.67 -11.14 -12.67
C GLY B 324 -16.45 -11.54 -13.47
N MET B 325 -15.61 -10.58 -13.84
CA MET B 325 -14.42 -10.87 -14.63
C MET B 325 -13.13 -10.83 -13.81
N ALA B 326 -13.20 -10.39 -12.56
CA ALA B 326 -11.99 -10.25 -11.77
C ALA B 326 -12.35 -10.32 -10.29
N VAL B 327 -11.33 -10.61 -9.48
CA VAL B 327 -11.47 -10.60 -8.03
C VAL B 327 -10.30 -9.84 -7.45
N ALA B 328 -10.55 -8.64 -6.93
CA ALA B 328 -9.52 -7.87 -6.29
C ALA B 328 -9.40 -8.30 -4.84
N THR B 329 -8.16 -8.53 -4.40
CA THR B 329 -7.88 -8.95 -3.04
C THR B 329 -6.72 -8.09 -2.53
N GLY B 330 -7.02 -7.19 -1.60
CA GLY B 330 -6.01 -6.32 -1.03
C GLY B 330 -5.66 -6.79 0.37
N SER B 331 -4.36 -6.85 0.65
CA SER B 331 -3.88 -7.43 1.89
C SER B 331 -3.00 -6.45 2.65
N TRP B 332 -2.64 -6.84 3.87
CA TRP B 332 -1.80 -5.99 4.72
C TRP B 332 -0.36 -5.90 4.24
N ASP B 333 0.04 -6.70 3.26
CA ASP B 333 1.38 -6.63 2.70
C ASP B 333 1.54 -5.50 1.70
N SER B 334 0.64 -4.52 1.71
CA SER B 334 0.65 -3.37 0.82
C SER B 334 0.45 -3.75 -0.64
N PHE B 335 -0.20 -4.88 -0.91
CA PHE B 335 -0.41 -5.35 -2.28
C PHE B 335 -1.86 -5.68 -2.52
N LEU B 336 -2.32 -5.36 -3.73
CA LEU B 336 -3.61 -5.77 -4.25
C LEU B 336 -3.37 -6.72 -5.42
N LYS B 337 -4.02 -7.87 -5.38
CA LYS B 337 -3.89 -8.87 -6.43
C LYS B 337 -5.23 -9.07 -7.10
N ILE B 338 -5.26 -8.94 -8.42
CA ILE B 338 -6.45 -9.23 -9.20
C ILE B 338 -6.37 -10.65 -9.69
N TRP B 339 -7.32 -11.48 -9.27
CA TRP B 339 -7.33 -12.90 -9.55
C TRP B 339 -8.38 -13.20 -10.61
N ASN B 340 -8.06 -14.15 -11.48
CA ASN B 340 -9.00 -14.57 -12.51
C ASN B 340 -8.78 -16.03 -12.85
N GLY B 341 -9.80 -16.65 -13.42
CA GLY B 341 -9.69 -18.03 -13.83
C GLY B 341 -8.97 -18.19 -15.15
N SER B 342 -8.58 -19.42 -15.44
CA SER B 342 -7.92 -19.78 -16.69
C SER B 342 -8.71 -20.91 -17.34
N SER B 343 -9.02 -20.75 -18.61
CA SER B 343 -9.80 -21.75 -19.34
C SER B 343 -9.00 -23.02 -19.56
N THR C 6 -36.17 5.94 34.75
CA THR C 6 -37.01 5.12 33.89
C THR C 6 -36.32 4.83 32.56
N ALA C 7 -35.01 5.07 32.52
CA ALA C 7 -34.25 4.79 31.29
C ALA C 7 -34.26 3.30 30.96
N SER C 8 -34.12 2.45 31.98
CA SER C 8 -34.20 1.01 31.75
C SER C 8 -35.58 0.62 31.24
N ILE C 9 -36.63 1.21 31.81
CA ILE C 9 -37.98 0.91 31.36
C ILE C 9 -38.17 1.36 29.91
N ALA C 10 -37.68 2.54 29.57
CA ALA C 10 -37.83 3.05 28.21
C ALA C 10 -37.08 2.17 27.21
N GLN C 11 -35.85 1.78 27.54
CA GLN C 11 -35.09 0.91 26.66
C GLN C 11 -35.71 -0.46 26.51
N ALA C 12 -36.23 -1.04 27.60
CA ALA C 12 -36.92 -2.31 27.50
C ALA C 12 -38.18 -2.19 26.66
N ARG C 13 -38.89 -1.08 26.79
CA ARG C 13 -40.08 -0.86 25.97
C ARG C 13 -39.72 -0.76 24.49
N LYS C 14 -38.66 -0.04 24.16
CA LYS C 14 -38.21 0.05 22.77
C LYS C 14 -37.80 -1.32 22.26
N LEU C 15 -37.12 -2.10 23.09
CA LEU C 15 -36.74 -3.47 22.73
C LEU C 15 -37.98 -4.33 22.46
N VAL C 16 -38.99 -4.20 23.31
CA VAL C 16 -40.23 -4.96 23.14
C VAL C 16 -40.92 -4.57 21.84
N GLU C 17 -40.99 -3.27 21.55
CA GLU C 17 -41.56 -2.84 20.27
C GLU C 17 -40.74 -3.37 19.10
N GLN C 18 -39.42 -3.45 19.26
CA GLN C 18 -38.58 -3.94 18.18
C GLN C 18 -38.93 -5.39 17.83
N LEU C 19 -38.95 -6.27 18.83
CA LEU C 19 -39.34 -7.65 18.51
C LEU C 19 -40.82 -7.80 18.19
N LYS C 20 -41.68 -6.89 18.67
CA LYS C 20 -43.08 -6.96 18.26
C LYS C 20 -43.21 -6.66 16.77
N MET C 21 -42.51 -5.64 16.29
CA MET C 21 -42.50 -5.33 14.86
C MET C 21 -41.85 -6.44 14.06
N GLU C 22 -40.74 -7.00 14.56
CA GLU C 22 -40.00 -8.00 13.81
C GLU C 22 -40.63 -9.39 13.90
N ALA C 23 -41.62 -9.59 14.78
CA ALA C 23 -42.30 -10.87 14.84
C ALA C 23 -43.30 -11.05 13.70
N ASN C 24 -43.93 -9.95 13.26
CA ASN C 24 -45.03 -10.04 12.28
C ASN C 24 -44.52 -9.81 10.86
N ILE C 25 -43.58 -10.67 10.45
CA ILE C 25 -43.10 -10.72 9.07
C ILE C 25 -43.58 -12.03 8.45
N ASP C 26 -44.14 -11.93 7.25
CA ASP C 26 -44.51 -13.13 6.51
C ASP C 26 -43.25 -13.95 6.24
N ARG C 27 -43.26 -15.20 6.69
CA ARG C 27 -42.13 -16.10 6.52
C ARG C 27 -42.51 -17.22 5.57
N ILE C 28 -41.58 -17.60 4.72
CA ILE C 28 -41.79 -18.72 3.80
C ILE C 28 -40.96 -19.90 4.27
N LYS C 29 -41.32 -21.08 3.76
CA LYS C 29 -40.56 -22.28 4.07
C LYS C 29 -39.15 -22.18 3.51
N VAL C 30 -38.17 -22.63 4.29
CA VAL C 30 -36.79 -22.55 3.86
C VAL C 30 -36.55 -23.36 2.58
N SER C 31 -37.38 -24.38 2.35
CA SER C 31 -37.27 -25.14 1.12
C SER C 31 -37.50 -24.25 -0.10
N LYS C 32 -38.54 -23.42 -0.05
CA LYS C 32 -38.84 -22.54 -1.18
C LYS C 32 -37.74 -21.50 -1.37
N ALA C 33 -37.25 -20.91 -0.28
CA ALA C 33 -36.19 -19.92 -0.39
C ALA C 33 -34.91 -20.54 -0.93
N ALA C 34 -34.58 -21.74 -0.49
CA ALA C 34 -33.41 -22.45 -0.99
C ALA C 34 -33.56 -22.77 -2.48
N ALA C 35 -34.77 -23.18 -2.89
CA ALA C 35 -35.02 -23.42 -4.30
C ALA C 35 -34.84 -22.16 -5.12
N ASP C 36 -35.33 -21.03 -4.61
CA ASP C 36 -35.16 -19.76 -5.31
C ASP C 36 -33.69 -19.37 -5.39
N LEU C 37 -32.95 -19.57 -4.30
CA LEU C 37 -31.52 -19.24 -4.30
C LEU C 37 -30.76 -20.09 -5.31
N MET C 38 -31.04 -21.40 -5.33
CA MET C 38 -30.35 -22.28 -6.28
C MET C 38 -30.79 -22.00 -7.71
N ALA C 39 -32.05 -21.60 -7.92
CA ALA C 39 -32.49 -21.22 -9.25
C ALA C 39 -31.76 -19.98 -9.73
N TYR C 40 -31.57 -19.00 -8.85
CA TYR C 40 -30.78 -17.83 -9.23
C TYR C 40 -29.35 -18.21 -9.53
N CYS C 41 -28.77 -19.10 -8.72
CA CYS C 41 -27.39 -19.52 -8.96
C CYS C 41 -27.23 -20.22 -10.31
N GLU C 42 -28.18 -21.07 -10.67
CA GLU C 42 -28.08 -21.82 -11.91
C GLU C 42 -28.42 -20.94 -13.11
N ALA C 43 -29.37 -20.01 -12.96
CA ALA C 43 -29.80 -19.20 -14.09
C ALA C 43 -28.69 -18.32 -14.62
N HIS C 44 -27.90 -17.72 -13.73
CA HIS C 44 -26.78 -16.87 -14.11
C HIS C 44 -25.45 -17.60 -14.06
N ALA C 45 -25.47 -18.93 -14.04
CA ALA C 45 -24.23 -19.69 -13.95
C ALA C 45 -23.35 -19.47 -15.17
N LYS C 46 -23.95 -19.50 -16.37
CA LYS C 46 -23.15 -19.32 -17.58
C LYS C 46 -22.73 -17.87 -17.78
N GLU C 47 -23.44 -16.92 -17.17
CA GLU C 47 -23.05 -15.52 -17.29
C GLU C 47 -21.83 -15.19 -16.45
N ASP C 48 -21.54 -15.98 -15.42
CA ASP C 48 -20.49 -15.65 -14.48
C ASP C 48 -19.16 -16.23 -14.95
N PRO C 49 -18.18 -15.40 -15.33
CA PRO C 49 -16.85 -15.94 -15.67
C PRO C 49 -16.09 -16.48 -14.49
N LEU C 50 -16.49 -16.13 -13.26
CA LEU C 50 -15.80 -16.63 -12.08
C LEU C 50 -15.98 -18.14 -11.95
N LEU C 51 -17.22 -18.62 -12.04
CA LEU C 51 -17.48 -20.05 -11.90
C LEU C 51 -17.03 -20.81 -13.14
N THR C 52 -17.40 -20.33 -14.32
CA THR C 52 -17.01 -20.96 -15.58
C THR C 52 -15.98 -20.08 -16.27
N PRO C 53 -14.75 -20.54 -16.46
CA PRO C 53 -13.70 -19.66 -16.99
C PRO C 53 -14.06 -19.11 -18.36
N VAL C 54 -13.75 -17.84 -18.56
CA VAL C 54 -13.99 -17.14 -19.82
C VAL C 54 -12.89 -17.56 -20.79
N PRO C 55 -13.16 -17.61 -22.10
CA PRO C 55 -12.07 -17.83 -23.07
C PRO C 55 -11.02 -16.74 -22.95
N ALA C 56 -9.77 -17.13 -23.19
CA ALA C 56 -8.65 -16.22 -22.97
C ALA C 56 -8.73 -14.99 -23.85
N SER C 57 -9.35 -15.09 -25.03
CA SER C 57 -9.46 -13.94 -25.91
C SER C 57 -10.33 -12.86 -25.29
N GLU C 58 -11.48 -13.24 -24.74
CA GLU C 58 -12.39 -12.28 -24.13
C GLU C 58 -11.92 -11.79 -22.77
N ASN C 59 -10.92 -12.43 -22.19
CA ASN C 59 -10.44 -12.04 -20.87
C ASN C 59 -9.70 -10.72 -20.95
N PRO C 60 -10.10 -9.69 -20.20
CA PRO C 60 -9.36 -8.44 -20.18
C PRO C 60 -8.19 -8.42 -19.20
N PHE C 61 -7.79 -9.57 -18.68
CA PHE C 61 -6.68 -9.70 -17.75
C PHE C 61 -5.70 -10.76 -18.26
N ARG C 62 -5.32 -10.63 -19.53
CA ARG C 62 -4.48 -11.60 -20.23
C ARG C 62 -5.16 -12.97 -20.29
N VAL D 2 -11.20 28.59 -14.75
CA VAL D 2 -9.99 28.13 -15.44
C VAL D 2 -9.61 29.13 -16.52
N GLN D 3 -8.40 29.69 -16.40
CA GLN D 3 -7.92 30.68 -17.35
C GLN D 3 -6.57 30.24 -17.93
N LEU D 4 -6.42 30.46 -19.23
CA LEU D 4 -5.24 30.06 -20.00
C LEU D 4 -4.77 31.22 -20.88
N VAL D 5 -4.66 32.41 -20.29
CA VAL D 5 -4.30 33.59 -21.07
C VAL D 5 -2.88 33.43 -21.62
N GLU D 6 -2.58 34.23 -22.65
CA GLU D 6 -1.31 34.16 -23.34
C GLU D 6 -0.75 35.57 -23.52
N SER D 7 0.56 35.62 -23.74
CA SER D 7 1.26 36.88 -23.97
C SER D 7 2.50 36.63 -24.82
N GLY D 8 2.99 37.70 -25.43
CA GLY D 8 4.13 37.59 -26.32
C GLY D 8 3.70 37.31 -27.74
N GLY D 9 4.06 38.18 -28.66
CA GLY D 9 3.69 38.02 -30.05
C GLY D 9 3.59 39.38 -30.72
N GLY D 10 2.98 39.38 -31.91
CA GLY D 10 2.82 40.57 -32.70
C GLY D 10 3.63 40.51 -33.99
N LEU D 11 4.12 41.67 -34.41
CA LEU D 11 4.89 41.78 -35.64
C LEU D 11 6.36 41.47 -35.36
N VAL D 12 6.90 40.48 -36.07
CA VAL D 12 8.31 40.12 -35.93
C VAL D 12 8.91 40.00 -37.32
N GLN D 13 10.22 40.25 -37.39
CA GLN D 13 10.95 40.08 -38.65
C GLN D 13 11.31 38.62 -38.85
N PRO D 14 11.40 38.16 -40.10
CA PRO D 14 11.67 36.74 -40.34
C PRO D 14 13.09 36.37 -39.96
N GLY D 15 13.26 35.12 -39.56
CA GLY D 15 14.55 34.62 -39.14
C GLY D 15 14.96 35.02 -37.74
N GLY D 16 14.09 35.69 -37.00
CA GLY D 16 14.39 36.15 -35.65
C GLY D 16 14.05 35.15 -34.58
N SER D 17 13.80 35.65 -33.39
CA SER D 17 13.45 34.81 -32.24
C SER D 17 12.36 35.49 -31.44
N ARG D 18 11.54 34.66 -30.78
CA ARG D 18 10.45 35.17 -29.95
C ARG D 18 10.12 34.13 -28.89
N LYS D 19 9.31 34.55 -27.92
CA LYS D 19 8.90 33.66 -26.83
C LYS D 19 7.43 33.90 -26.54
N LEU D 20 6.64 32.84 -26.59
CA LEU D 20 5.22 32.89 -26.24
C LEU D 20 5.03 32.33 -24.84
N SER D 21 4.31 33.04 -23.99
CA SER D 21 4.12 32.67 -22.60
C SER D 21 2.65 32.48 -22.31
N CYS D 22 2.26 31.26 -21.95
CA CYS D 22 0.90 30.95 -21.52
C CYS D 22 0.88 30.96 -20.01
N SER D 23 0.12 31.88 -19.42
CA SER D 23 0.06 32.07 -17.97
C SER D 23 -1.21 31.41 -17.45
N ALA D 24 -1.10 30.14 -17.09
CA ALA D 24 -2.24 29.39 -16.60
C ALA D 24 -2.63 29.84 -15.20
N SER D 25 -3.92 29.75 -14.90
CA SER D 25 -4.41 30.03 -13.56
C SER D 25 -5.75 29.32 -13.37
N GLY D 26 -6.07 29.04 -12.12
CA GLY D 26 -7.34 28.43 -11.78
C GLY D 26 -7.39 26.93 -11.84
N PHE D 27 -6.26 26.25 -12.04
CA PHE D 27 -6.24 24.80 -12.04
C PHE D 27 -4.81 24.32 -11.77
N ALA D 28 -4.67 23.01 -11.60
CA ALA D 28 -3.38 22.41 -11.27
C ALA D 28 -2.53 22.30 -12.53
N PHE D 29 -1.52 23.15 -12.64
CA PHE D 29 -0.64 23.14 -13.81
C PHE D 29 0.13 21.83 -13.91
N SER D 30 0.68 21.35 -12.79
CA SER D 30 1.62 20.23 -12.85
C SER D 30 0.97 18.97 -13.37
N SER D 31 -0.27 18.69 -12.95
CA SER D 31 -0.92 17.44 -13.34
C SER D 31 -1.24 17.41 -14.82
N PHE D 32 -1.40 18.56 -15.45
CA PHE D 32 -1.84 18.63 -16.85
C PHE D 32 -0.65 18.65 -17.80
N GLY D 33 -0.84 18.02 -18.96
CA GLY D 33 0.09 18.18 -20.06
C GLY D 33 -0.29 19.41 -20.86
N MET D 34 0.71 20.03 -21.49
CA MET D 34 0.51 21.25 -22.23
C MET D 34 0.75 21.02 -23.71
N HIS D 35 -0.11 21.63 -24.54
CA HIS D 35 -0.01 21.54 -25.98
C HIS D 35 0.03 22.94 -26.56
N TRP D 36 0.86 23.13 -27.58
CA TRP D 36 0.84 24.34 -28.38
C TRP D 36 0.27 23.98 -29.74
N VAL D 37 -0.85 24.61 -30.09
CA VAL D 37 -1.56 24.32 -31.33
C VAL D 37 -1.72 25.63 -32.09
N ARG D 38 -1.38 25.62 -33.37
CA ARG D 38 -1.43 26.83 -34.19
C ARG D 38 -2.51 26.70 -35.24
N GLN D 39 -2.96 27.87 -35.71
CA GLN D 39 -3.99 27.97 -36.73
C GLN D 39 -3.55 29.04 -37.72
N ALA D 40 -3.46 28.67 -39.00
CA ALA D 40 -3.12 29.66 -40.01
C ALA D 40 -4.21 30.74 -40.04
N PRO D 41 -3.83 31.98 -40.36
CA PRO D 41 -4.78 33.10 -40.20
C PRO D 41 -6.14 32.88 -40.86
N GLU D 42 -6.16 32.30 -42.06
CA GLU D 42 -7.40 32.02 -42.77
C GLU D 42 -7.66 30.53 -42.94
N LYS D 43 -6.87 29.68 -42.30
CA LYS D 43 -6.97 28.24 -42.52
C LYS D 43 -7.19 27.52 -41.19
N GLY D 44 -7.10 26.19 -41.23
CA GLY D 44 -7.42 25.37 -40.09
C GLY D 44 -6.26 25.22 -39.12
N LEU D 45 -6.50 24.41 -38.10
CA LEU D 45 -5.55 24.18 -37.02
C LEU D 45 -4.44 23.23 -37.46
N GLU D 46 -3.33 23.25 -36.73
CA GLU D 46 -2.27 22.28 -36.88
C GLU D 46 -1.51 22.17 -35.56
N TRP D 47 -1.26 20.95 -35.12
CA TRP D 47 -0.56 20.73 -33.86
C TRP D 47 0.90 21.15 -34.01
N VAL D 48 1.45 21.76 -32.97
CA VAL D 48 2.81 22.28 -32.99
C VAL D 48 3.71 21.56 -32.00
N ALA D 49 3.36 21.57 -30.73
CA ALA D 49 4.27 21.06 -29.71
C ALA D 49 3.50 20.51 -28.53
N TYR D 50 4.20 19.73 -27.70
CA TYR D 50 3.58 19.12 -26.53
C TYR D 50 4.65 18.80 -25.49
N ILE D 51 4.31 19.06 -24.22
CA ILE D 51 5.10 18.63 -23.09
C ILE D 51 4.18 17.91 -22.11
N SER D 52 4.68 16.85 -21.49
CA SER D 52 3.88 16.03 -20.60
C SER D 52 3.96 16.60 -19.18
N SER D 53 3.36 15.88 -18.23
CA SER D 53 3.49 16.25 -16.82
C SER D 53 4.90 15.97 -16.35
N GLY D 54 5.53 16.95 -15.72
CA GLY D 54 6.90 16.80 -15.27
C GLY D 54 7.94 16.93 -16.36
N SER D 55 7.55 17.32 -17.57
CA SER D 55 8.48 17.53 -18.68
C SER D 55 9.22 16.25 -19.04
N GLY D 56 8.63 15.09 -18.76
CA GLY D 56 9.29 13.83 -19.07
C GLY D 56 9.45 13.60 -20.56
N THR D 57 8.39 13.85 -21.32
CA THR D 57 8.39 13.64 -22.76
C THR D 57 7.99 14.93 -23.47
N ILE D 58 8.74 15.30 -24.49
CA ILE D 58 8.47 16.49 -25.30
C ILE D 58 8.37 16.05 -26.75
N TYR D 59 7.28 16.43 -27.42
CA TYR D 59 7.07 16.10 -28.81
C TYR D 59 6.87 17.36 -29.63
N TYR D 60 7.34 17.32 -30.87
CA TYR D 60 7.20 18.44 -31.80
C TYR D 60 6.64 17.93 -33.12
N ALA D 61 6.01 18.83 -33.86
CA ALA D 61 5.66 18.53 -35.23
C ALA D 61 6.90 18.57 -36.11
N ASP D 62 6.82 17.86 -37.25
CA ASP D 62 7.96 17.81 -38.14
C ASP D 62 8.28 19.17 -38.73
N THR D 63 7.27 20.00 -38.96
CA THR D 63 7.49 21.32 -39.55
C THR D 63 8.31 22.22 -38.63
N VAL D 64 8.06 22.14 -37.32
CA VAL D 64 8.68 23.03 -36.36
C VAL D 64 9.72 22.33 -35.50
N LYS D 65 10.15 21.14 -35.90
CA LYS D 65 11.16 20.41 -35.14
C LYS D 65 12.49 21.16 -35.19
N GLY D 66 13.16 21.24 -34.06
CA GLY D 66 14.46 21.91 -33.99
C GLY D 66 14.42 23.41 -33.84
N ARG D 67 13.55 24.08 -34.60
CA ARG D 67 13.45 25.53 -34.50
C ARG D 67 12.74 25.96 -33.22
N PHE D 68 11.85 25.12 -32.69
CA PHE D 68 11.01 25.47 -31.56
C PHE D 68 11.43 24.66 -30.33
N THR D 69 11.29 25.28 -29.17
CA THR D 69 11.56 24.62 -27.89
C THR D 69 10.43 24.95 -26.92
N ILE D 70 9.71 23.93 -26.48
CA ILE D 70 8.58 24.10 -25.58
C ILE D 70 8.98 23.59 -24.21
N SER D 71 8.76 24.42 -23.19
CA SER D 71 9.11 24.08 -21.82
C SER D 71 8.04 24.61 -20.89
N ARG D 72 8.17 24.30 -19.60
CA ARG D 72 7.21 24.73 -18.61
C ARG D 72 7.93 25.11 -17.32
N ASP D 73 7.33 26.04 -16.59
CA ASP D 73 7.79 26.44 -15.26
C ASP D 73 6.62 26.24 -14.31
N ASP D 74 6.60 25.06 -13.68
CA ASP D 74 5.51 24.73 -12.77
C ASP D 74 5.45 25.65 -11.55
N PRO D 75 6.55 25.98 -10.87
CA PRO D 75 6.43 26.89 -9.71
C PRO D 75 5.78 28.22 -10.06
N LYS D 76 6.07 28.76 -11.23
CA LYS D 76 5.43 30.00 -11.68
C LYS D 76 4.19 29.74 -12.52
N ASN D 77 3.83 28.48 -12.75
CA ASN D 77 2.64 28.10 -13.51
C ASN D 77 2.61 28.78 -14.87
N THR D 78 3.64 28.51 -15.66
CA THR D 78 3.76 29.13 -16.97
C THR D 78 4.21 28.08 -18.00
N LEU D 79 3.80 28.30 -19.24
CA LEU D 79 4.18 27.44 -20.36
C LEU D 79 4.89 28.31 -21.39
N PHE D 80 6.14 27.99 -21.69
CA PHE D 80 6.98 28.80 -22.56
C PHE D 80 7.21 28.09 -23.88
N LEU D 81 7.16 28.85 -24.97
CA LEU D 81 7.53 28.37 -26.29
C LEU D 81 8.54 29.35 -26.87
N GLN D 82 9.81 28.95 -26.92
CA GLN D 82 10.86 29.75 -27.52
C GLN D 82 11.03 29.33 -28.98
N MET D 83 10.81 30.26 -29.88
CA MET D 83 10.82 29.99 -31.31
C MET D 83 11.95 30.78 -31.97
N THR D 84 12.73 30.09 -32.79
CA THR D 84 13.89 30.68 -33.45
C THR D 84 13.77 30.51 -34.95
N SER D 85 14.18 31.54 -35.69
CA SER D 85 14.19 31.53 -37.15
C SER D 85 12.78 31.29 -37.70
N LEU D 86 11.90 32.24 -37.42
CA LEU D 86 10.53 32.15 -37.91
C LEU D 86 10.49 32.33 -39.42
N ARG D 87 9.97 31.32 -40.11
CA ARG D 87 9.78 31.40 -41.55
C ARG D 87 8.46 32.11 -41.83
N SER D 88 8.04 32.11 -43.10
CA SER D 88 6.81 32.81 -43.46
C SER D 88 5.57 32.10 -42.94
N GLU D 89 5.62 30.78 -42.81
CA GLU D 89 4.44 30.02 -42.40
C GLU D 89 4.20 30.05 -40.90
N ASP D 90 5.13 30.61 -40.11
CA ASP D 90 4.94 30.65 -38.67
C ASP D 90 3.92 31.70 -38.25
N THR D 91 3.54 32.62 -39.13
CA THR D 91 2.52 33.61 -38.83
C THR D 91 1.20 32.90 -38.59
N ALA D 92 0.70 32.93 -37.35
CA ALA D 92 -0.47 32.14 -37.01
C ALA D 92 -1.08 32.60 -35.69
N MET D 93 -2.26 32.05 -35.42
CA MET D 93 -2.97 32.15 -34.16
C MET D 93 -2.48 31.01 -33.27
N TYR D 94 -1.90 31.32 -32.12
CA TYR D 94 -1.29 30.30 -31.26
C TYR D 94 -2.12 30.10 -30.00
N TYR D 95 -2.34 28.83 -29.65
CA TYR D 95 -3.15 28.45 -28.50
C TYR D 95 -2.36 27.50 -27.61
N CYS D 96 -2.52 27.67 -26.30
CA CYS D 96 -2.07 26.67 -25.33
C CYS D 96 -3.29 25.89 -24.88
N VAL D 97 -3.15 24.56 -24.85
CA VAL D 97 -4.24 23.65 -24.52
C VAL D 97 -3.80 22.76 -23.37
N ARG D 98 -4.63 22.63 -22.36
CA ARG D 98 -4.37 21.67 -21.31
C ARG D 98 -4.94 20.32 -21.71
N SER D 99 -4.26 19.26 -21.27
CA SER D 99 -4.70 17.90 -21.58
C SER D 99 -4.14 16.98 -20.50
N ILE D 100 -5.01 16.52 -19.63
CA ILE D 100 -4.63 15.55 -18.62
C ILE D 100 -4.95 14.17 -19.14
N TYR D 101 -4.01 13.23 -18.98
CA TYR D 101 -4.11 11.93 -19.61
C TYR D 101 -4.21 10.86 -18.52
N TYR D 102 -5.40 10.26 -18.40
CA TYR D 102 -5.61 9.08 -17.58
C TYR D 102 -6.89 8.41 -18.07
N TYR D 103 -7.24 7.30 -17.45
CA TYR D 103 -8.42 6.57 -17.89
C TYR D 103 -9.67 7.40 -17.65
N GLY D 104 -10.45 7.62 -18.71
CA GLY D 104 -11.66 8.40 -18.61
C GLY D 104 -11.46 9.89 -18.59
N SER D 105 -10.25 10.37 -18.88
CA SER D 105 -9.97 11.80 -18.85
C SER D 105 -10.50 12.48 -20.10
N SER D 106 -10.32 13.79 -20.16
CA SER D 106 -10.81 14.61 -21.27
C SER D 106 -9.65 15.43 -21.82
N PRO D 107 -8.81 14.83 -22.65
CA PRO D 107 -7.70 15.59 -23.25
C PRO D 107 -8.21 16.73 -24.11
N PHE D 108 -7.45 17.81 -24.13
CA PHE D 108 -7.78 19.02 -24.90
C PHE D 108 -9.12 19.59 -24.43
N ASP D 109 -9.24 19.78 -23.12
CA ASP D 109 -10.50 20.23 -22.55
C ASP D 109 -10.65 21.75 -22.67
N PHE D 110 -9.63 22.51 -22.30
CA PHE D 110 -9.69 23.96 -22.28
C PHE D 110 -8.62 24.54 -23.19
N TRP D 111 -8.99 25.59 -23.92
CA TRP D 111 -8.08 26.26 -24.84
C TRP D 111 -7.96 27.74 -24.46
N GLY D 112 -6.78 28.30 -24.65
CA GLY D 112 -6.54 29.69 -24.35
C GLY D 112 -6.91 30.61 -25.50
N GLN D 113 -6.85 31.92 -25.21
CA GLN D 113 -7.20 32.91 -26.21
C GLN D 113 -6.21 32.92 -27.38
N GLY D 114 -4.92 32.84 -27.07
CA GLY D 114 -3.89 32.71 -28.08
C GLY D 114 -3.17 34.03 -28.33
N THR D 115 -2.05 33.93 -29.03
CA THR D 115 -1.26 35.07 -29.48
C THR D 115 -1.18 35.08 -31.00
N THR D 116 -1.33 36.26 -31.58
CA THR D 116 -1.23 36.42 -33.02
C THR D 116 0.21 36.76 -33.37
N LEU D 117 0.85 35.91 -34.16
CA LEU D 117 2.22 36.14 -34.60
C LEU D 117 2.23 36.41 -36.09
N THR D 118 2.77 37.55 -36.51
CA THR D 118 2.82 37.94 -37.91
C THR D 118 4.27 38.22 -38.28
N VAL D 119 4.77 37.51 -39.28
CA VAL D 119 6.12 37.71 -39.79
C VAL D 119 6.02 38.38 -41.15
N SER D 120 7.02 39.20 -41.45
CA SER D 120 7.07 39.86 -42.76
C SER D 120 7.44 38.86 -43.84
N SER D 121 6.81 38.99 -45.00
CA SER D 121 7.06 38.07 -46.11
C SER D 121 8.43 38.33 -46.74
N SER D 136 3.49 8.88 -43.43
CA SER D 136 3.85 8.84 -42.02
C SER D 136 2.74 9.41 -41.16
N ASP D 137 2.56 10.72 -41.23
CA ASP D 137 1.51 11.38 -40.46
C ASP D 137 0.14 10.97 -40.97
N ILE D 138 -0.82 10.84 -40.05
CA ILE D 138 -2.20 10.57 -40.44
C ILE D 138 -2.80 11.82 -41.04
N VAL D 139 -3.67 11.63 -42.04
CA VAL D 139 -4.34 12.73 -42.71
C VAL D 139 -5.82 12.69 -42.36
N MET D 140 -6.40 13.87 -42.18
CA MET D 140 -7.82 14.02 -41.86
C MET D 140 -8.47 14.82 -42.96
N THR D 141 -9.47 14.23 -43.61
CA THR D 141 -10.15 14.84 -44.75
C THR D 141 -11.59 15.15 -44.36
N GLN D 142 -11.99 16.40 -44.54
CA GLN D 142 -13.38 16.84 -44.36
C GLN D 142 -13.83 17.46 -45.68
N ALA D 143 -14.29 16.61 -46.60
CA ALA D 143 -14.73 17.09 -47.90
C ALA D 143 -16.03 17.89 -47.82
N THR D 144 -16.71 17.85 -46.68
CA THR D 144 -17.98 18.58 -46.56
C THR D 144 -17.77 20.08 -46.66
N SER D 145 -16.73 20.60 -46.01
CA SER D 145 -16.35 22.02 -46.04
C SER D 145 -17.55 22.85 -45.59
N SER D 146 -17.90 23.94 -46.29
CA SER D 146 -18.99 24.80 -45.85
C SER D 146 -20.34 24.16 -46.12
N VAL D 147 -21.25 24.29 -45.17
CA VAL D 147 -22.60 23.74 -45.28
C VAL D 147 -23.61 24.74 -44.74
N PRO D 148 -24.67 25.05 -45.48
CA PRO D 148 -25.73 25.90 -44.91
C PRO D 148 -26.61 25.12 -43.96
N VAL D 149 -26.92 25.75 -42.82
CA VAL D 149 -27.70 25.11 -41.77
C VAL D 149 -28.81 26.05 -41.34
N THR D 150 -29.97 25.48 -41.02
CA THR D 150 -31.11 26.22 -40.50
C THR D 150 -31.35 25.82 -39.04
N PRO D 151 -31.59 26.77 -38.15
CA PRO D 151 -31.77 26.42 -36.74
C PRO D 151 -32.94 25.47 -36.53
N GLY D 152 -32.74 24.50 -35.64
CA GLY D 152 -33.73 23.49 -35.35
C GLY D 152 -33.57 22.20 -36.13
N GLU D 153 -32.82 22.22 -37.22
CA GLU D 153 -32.62 21.03 -38.01
C GLU D 153 -31.53 20.15 -37.41
N SER D 154 -31.41 18.94 -37.93
CA SER D 154 -30.38 17.99 -37.50
C SER D 154 -29.36 17.87 -38.61
N VAL D 155 -28.09 18.14 -38.29
CA VAL D 155 -27.02 18.14 -39.27
C VAL D 155 -25.98 17.10 -38.88
N SER D 156 -25.22 16.65 -39.87
CA SER D 156 -24.16 15.67 -39.68
C SER D 156 -22.90 16.17 -40.34
N ILE D 157 -21.77 16.05 -39.65
CA ILE D 157 -20.46 16.43 -40.15
C ILE D 157 -19.59 15.19 -40.22
N SER D 158 -18.99 14.94 -41.38
CA SER D 158 -18.23 13.72 -41.61
C SER D 158 -16.74 14.02 -41.56
N CYS D 159 -15.98 13.15 -40.91
CA CYS D 159 -14.53 13.21 -40.86
C CYS D 159 -13.98 11.87 -41.30
N ARG D 160 -12.81 11.88 -41.94
CA ARG D 160 -12.23 10.67 -42.49
C ARG D 160 -10.78 10.56 -42.07
N SER D 161 -10.35 9.34 -41.76
CA SER D 161 -8.99 9.06 -41.30
C SER D 161 -8.25 8.25 -42.35
N SER D 162 -6.94 8.49 -42.44
CA SER D 162 -6.11 7.74 -43.38
C SER D 162 -6.11 6.25 -43.02
N LYS D 163 -5.98 5.94 -41.74
CA LYS D 163 -6.00 4.56 -41.27
C LYS D 163 -6.90 4.46 -40.04
N SER D 164 -7.27 3.23 -39.71
CA SER D 164 -8.18 2.99 -38.60
C SER D 164 -7.58 3.52 -37.29
N LEU D 165 -8.39 4.23 -36.53
CA LEU D 165 -7.97 4.81 -35.26
C LEU D 165 -8.46 4.02 -34.06
N LEU D 166 -9.06 2.85 -34.29
CA LEU D 166 -9.52 1.98 -33.21
C LEU D 166 -8.33 1.18 -32.69
N HIS D 167 -7.74 1.65 -31.60
CA HIS D 167 -6.64 0.93 -30.99
C HIS D 167 -7.13 -0.39 -30.41
N SER D 168 -6.19 -1.32 -30.24
CA SER D 168 -6.52 -2.65 -29.72
C SER D 168 -7.13 -2.58 -28.32
N ASN D 169 -6.90 -1.50 -27.58
CA ASN D 169 -7.50 -1.38 -26.26
C ASN D 169 -9.00 -1.14 -26.30
N GLY D 170 -9.57 -0.89 -27.47
CA GLY D 170 -10.99 -0.70 -27.61
C GLY D 170 -11.46 0.73 -27.72
N ASN D 171 -10.55 1.69 -27.76
CA ASN D 171 -10.89 3.11 -27.85
C ASN D 171 -10.66 3.61 -29.26
N THR D 172 -11.54 4.52 -29.69
CA THR D 172 -11.35 5.28 -30.91
C THR D 172 -11.00 6.71 -30.53
N TYR D 173 -10.23 7.38 -31.37
CA TYR D 173 -9.40 8.48 -30.89
C TYR D 173 -9.64 9.76 -31.68
N LEU D 174 -10.90 10.13 -31.90
CA LEU D 174 -11.20 11.46 -32.41
C LEU D 174 -11.50 12.41 -31.26
N TYR D 175 -11.13 13.67 -31.47
CA TYR D 175 -11.54 14.77 -30.62
C TYR D 175 -12.14 15.84 -31.52
N TRP D 176 -13.39 16.18 -31.28
CA TRP D 176 -14.09 17.19 -32.05
C TRP D 176 -13.99 18.53 -31.33
N PHE D 177 -13.73 19.58 -32.10
CA PHE D 177 -13.61 20.92 -31.55
C PHE D 177 -14.51 21.87 -32.34
N LEU D 178 -15.20 22.75 -31.63
CA LEU D 178 -16.04 23.77 -32.24
C LEU D 178 -15.38 25.12 -32.01
N GLN D 179 -15.14 25.84 -33.09
CA GLN D 179 -14.63 27.21 -33.04
C GLN D 179 -15.72 28.11 -33.59
N ARG D 180 -16.51 28.69 -32.72
CA ARG D 180 -17.42 29.72 -33.17
C ARG D 180 -16.65 31.01 -33.40
N PRO D 181 -17.09 31.84 -34.35
CA PRO D 181 -16.27 32.99 -34.75
C PRO D 181 -15.95 33.91 -33.59
N GLY D 182 -14.71 34.39 -33.56
CA GLY D 182 -14.30 35.43 -32.66
C GLY D 182 -13.43 35.00 -31.49
N GLN D 183 -13.42 33.73 -31.13
CA GLN D 183 -12.65 33.31 -29.96
C GLN D 183 -12.23 31.85 -30.10
N SER D 184 -11.61 31.34 -29.04
CA SER D 184 -10.89 30.08 -29.09
C SER D 184 -11.85 28.89 -29.27
N PRO D 185 -11.38 27.77 -29.81
CA PRO D 185 -12.23 26.59 -29.90
C PRO D 185 -12.42 25.93 -28.55
N GLN D 186 -13.44 25.07 -28.49
CA GLN D 186 -13.77 24.32 -27.29
C GLN D 186 -14.05 22.87 -27.65
N LEU D 187 -13.89 21.99 -26.67
CA LEU D 187 -14.04 20.56 -26.91
C LEU D 187 -15.51 20.16 -26.89
N LEU D 188 -15.94 19.42 -27.92
CA LEU D 188 -17.29 18.87 -27.99
C LEU D 188 -17.31 17.39 -27.62
N ILE D 189 -16.55 16.58 -28.34
CA ILE D 189 -16.52 15.14 -28.14
C ILE D 189 -15.07 14.72 -27.96
N TYR D 190 -14.81 13.88 -26.97
CA TYR D 190 -13.49 13.28 -26.80
C TYR D 190 -13.63 11.77 -26.89
N ARG D 191 -12.63 11.12 -27.49
CA ARG D 191 -12.66 9.68 -27.73
C ARG D 191 -13.83 9.28 -28.63
N MET D 192 -14.24 10.19 -29.52
CA MET D 192 -15.14 9.98 -30.64
C MET D 192 -16.58 9.66 -30.24
N SER D 193 -16.83 9.40 -28.97
CA SER D 193 -18.18 9.06 -28.55
C SER D 193 -18.55 9.57 -27.16
N ASN D 194 -17.67 10.28 -26.47
CA ASN D 194 -17.92 10.73 -25.12
C ASN D 194 -18.22 12.22 -25.13
N LEU D 195 -19.33 12.60 -24.51
CA LEU D 195 -19.71 14.00 -24.44
C LEU D 195 -18.75 14.75 -23.52
N ALA D 196 -18.48 16.00 -23.87
CA ALA D 196 -17.59 16.81 -23.05
C ALA D 196 -18.33 17.33 -21.82
N SER D 197 -17.63 18.13 -21.03
CA SER D 197 -18.22 18.72 -19.83
C SER D 197 -18.63 20.16 -20.13
N GLY D 198 -19.85 20.52 -19.73
CA GLY D 198 -20.35 21.85 -19.97
C GLY D 198 -20.89 22.09 -21.35
N VAL D 199 -21.01 21.06 -22.18
CA VAL D 199 -21.52 21.21 -23.54
C VAL D 199 -22.88 20.52 -23.62
N PRO D 200 -23.82 21.02 -24.43
CA PRO D 200 -25.17 20.46 -24.45
C PRO D 200 -25.20 19.00 -24.88
N ASP D 201 -26.35 18.39 -24.65
CA ASP D 201 -26.57 16.98 -24.96
C ASP D 201 -26.76 16.75 -26.46
N ARG D 202 -27.31 17.75 -27.17
CA ARG D 202 -27.66 17.55 -28.58
C ARG D 202 -26.48 17.09 -29.41
N PHE D 203 -25.27 17.58 -29.09
CA PHE D 203 -24.07 17.14 -29.78
C PHE D 203 -23.82 15.66 -29.50
N SER D 204 -23.46 14.92 -30.55
CA SER D 204 -23.13 13.52 -30.37
C SER D 204 -22.12 13.09 -31.44
N GLY D 205 -21.44 11.99 -31.17
CA GLY D 205 -20.48 11.45 -32.11
C GLY D 205 -20.66 9.95 -32.28
N SER D 206 -20.36 9.49 -33.49
CA SER D 206 -20.57 8.08 -33.82
C SER D 206 -19.66 7.70 -34.99
N GLY D 207 -19.73 6.44 -35.38
CA GLY D 207 -18.92 5.89 -36.44
C GLY D 207 -18.03 4.77 -35.95
N SER D 208 -17.31 4.19 -36.91
CA SER D 208 -16.30 3.18 -36.60
C SER D 208 -15.37 3.06 -37.79
N GLY D 209 -14.19 2.51 -37.53
CA GLY D 209 -13.23 2.29 -38.60
C GLY D 209 -12.49 3.54 -39.01
N THR D 210 -12.81 4.08 -40.19
CA THR D 210 -12.10 5.20 -40.77
C THR D 210 -12.97 6.41 -41.09
N ALA D 211 -14.28 6.22 -41.31
CA ALA D 211 -15.21 7.30 -41.54
C ALA D 211 -16.04 7.50 -40.28
N PHE D 212 -16.03 8.71 -39.73
CA PHE D 212 -16.72 9.01 -38.49
C PHE D 212 -17.64 10.20 -38.71
N THR D 213 -18.64 10.35 -37.83
CA THR D 213 -19.61 11.43 -37.95
C THR D 213 -19.86 12.08 -36.60
N LEU D 214 -20.21 13.36 -36.66
CA LEU D 214 -20.70 14.12 -35.52
C LEU D 214 -22.07 14.67 -35.87
N THR D 215 -23.06 14.36 -35.04
CA THR D 215 -24.44 14.72 -35.30
C THR D 215 -24.91 15.78 -34.31
N ILE D 216 -25.54 16.83 -34.83
CA ILE D 216 -26.20 17.84 -34.02
C ILE D 216 -27.70 17.67 -34.25
N SER D 217 -28.42 17.27 -33.21
CA SER D 217 -29.85 17.02 -33.34
C SER D 217 -30.61 18.31 -33.60
N ARG D 218 -30.25 19.40 -32.91
CA ARG D 218 -30.87 20.69 -33.10
C ARG D 218 -29.79 21.76 -33.21
N LEU D 219 -29.96 22.67 -34.16
CA LEU D 219 -29.00 23.74 -34.38
C LEU D 219 -29.43 24.98 -33.61
N GLU D 220 -28.50 25.57 -32.87
CA GLU D 220 -28.76 26.75 -32.07
C GLU D 220 -28.03 27.94 -32.67
N ALA D 221 -28.30 29.12 -32.10
CA ALA D 221 -27.65 30.34 -32.59
C ALA D 221 -26.17 30.33 -32.31
N GLU D 222 -25.73 29.70 -31.22
CA GLU D 222 -24.33 29.68 -30.85
C GLU D 222 -23.57 28.49 -31.42
N ASP D 223 -24.24 27.62 -32.19
CA ASP D 223 -23.57 26.51 -32.83
C ASP D 223 -22.97 26.88 -34.18
N VAL D 224 -23.15 28.13 -34.63
CA VAL D 224 -22.52 28.57 -35.86
C VAL D 224 -21.01 28.56 -35.70
N GLY D 225 -20.30 28.36 -36.80
CA GLY D 225 -18.85 28.40 -36.76
C GLY D 225 -18.27 27.16 -37.42
N VAL D 226 -16.98 26.95 -37.20
CA VAL D 226 -16.26 25.87 -37.85
C VAL D 226 -16.07 24.72 -36.89
N TYR D 227 -15.96 23.52 -37.44
CA TYR D 227 -15.76 22.29 -36.68
C TYR D 227 -14.49 21.60 -37.17
N TYR D 228 -13.71 21.07 -36.24
CA TYR D 228 -12.48 20.35 -36.56
C TYR D 228 -12.52 18.97 -35.92
N CYS D 229 -11.95 17.99 -36.60
CA CYS D 229 -11.73 16.66 -36.07
C CYS D 229 -10.24 16.42 -35.97
N MET D 230 -9.78 15.91 -34.83
CA MET D 230 -8.37 15.66 -34.60
C MET D 230 -8.17 14.24 -34.09
N GLN D 231 -7.08 13.62 -34.49
CA GLN D 231 -6.76 12.28 -34.01
C GLN D 231 -5.69 12.36 -32.92
N HIS D 232 -5.65 11.30 -32.11
CA HIS D 232 -4.66 11.20 -31.04
C HIS D 232 -3.99 9.84 -30.98
N LEU D 233 -4.09 9.02 -32.04
CA LEU D 233 -3.49 7.70 -32.02
C LEU D 233 -1.98 7.77 -32.14
N GLU D 234 -1.49 8.42 -33.20
CA GLU D 234 -0.07 8.64 -33.41
C GLU D 234 0.23 10.11 -33.16
N TYR D 235 1.29 10.37 -32.41
CA TYR D 235 1.40 11.67 -31.76
C TYR D 235 1.59 12.84 -32.72
N PRO D 236 2.08 12.65 -33.95
CA PRO D 236 2.00 13.77 -34.91
C PRO D 236 0.54 14.10 -35.22
N LEU D 237 -0.11 14.75 -34.26
CA LEU D 237 -1.54 15.05 -34.35
C LEU D 237 -1.83 15.92 -35.57
N THR D 238 -2.85 15.55 -36.32
CA THR D 238 -3.25 16.29 -37.50
C THR D 238 -4.72 16.65 -37.40
N PHE D 239 -5.02 17.93 -37.43
CA PHE D 239 -6.40 18.39 -37.43
C PHE D 239 -7.00 18.26 -38.83
N GLY D 240 -8.32 18.27 -38.90
CA GLY D 240 -9.01 18.24 -40.15
C GLY D 240 -9.04 19.60 -40.83
N ALA D 241 -9.61 19.62 -42.03
CA ALA D 241 -9.75 20.88 -42.75
C ALA D 241 -10.68 21.83 -42.02
N GLY D 242 -11.78 21.32 -41.48
CA GLY D 242 -12.73 22.14 -40.78
C GLY D 242 -13.96 22.45 -41.59
N THR D 243 -15.12 21.93 -41.15
CA THR D 243 -16.38 22.17 -41.84
C THR D 243 -17.08 23.36 -41.20
N LYS D 244 -17.47 24.33 -42.02
CA LYS D 244 -18.03 25.57 -41.53
C LYS D 244 -19.55 25.53 -41.67
N LEU D 245 -20.27 25.70 -40.56
CA LEU D 245 -21.71 25.76 -40.54
C LEU D 245 -22.13 27.22 -40.33
N GLU D 246 -22.94 27.73 -41.26
CA GLU D 246 -23.45 29.10 -41.20
C GLU D 246 -24.92 29.09 -41.59
N LEU D 247 -25.63 30.14 -41.17
CA LEU D 247 -27.05 30.27 -41.47
C LEU D 247 -27.27 30.47 -42.96
N ILE E 540 51.41 -36.22 5.39
CA ILE E 540 52.14 -37.29 4.74
C ILE E 540 51.36 -38.62 4.75
N PRO E 541 50.88 -39.09 5.90
CA PRO E 541 50.10 -40.33 5.90
C PRO E 541 48.83 -40.21 5.07
N ILE E 542 48.48 -41.31 4.41
CA ILE E 542 47.36 -41.28 3.48
C ILE E 542 46.02 -41.21 4.22
N GLN E 543 45.95 -41.72 5.46
CA GLN E 543 44.72 -41.61 6.22
C GLN E 543 44.41 -40.17 6.58
N LEU E 544 45.43 -39.39 6.93
CA LEU E 544 45.24 -37.97 7.18
C LEU E 544 44.73 -37.27 5.93
N THR E 545 45.31 -37.59 4.77
CA THR E 545 44.89 -36.96 3.53
C THR E 545 43.44 -37.29 3.21
N VAL E 546 43.06 -38.57 3.33
CA VAL E 546 41.69 -38.95 2.98
C VAL E 546 40.70 -38.36 3.99
N PHE E 547 41.09 -38.27 5.26
CA PHE E 547 40.21 -37.68 6.26
C PHE E 547 40.00 -36.20 5.98
N PHE E 548 41.07 -35.46 5.74
CA PHE E 548 40.90 -34.05 5.43
C PHE E 548 40.14 -33.86 4.13
N MET E 549 40.28 -34.77 3.16
CA MET E 549 39.56 -34.64 1.90
C MET E 549 38.07 -34.91 2.09
N ILE E 550 37.70 -35.89 2.93
CA ILE E 550 36.28 -36.09 3.19
C ILE E 550 35.68 -34.91 3.95
N ILE E 551 36.43 -34.34 4.90
CA ILE E 551 35.90 -33.17 5.59
C ILE E 551 35.79 -31.99 4.64
N TYR E 552 36.72 -31.86 3.69
CA TYR E 552 36.60 -30.80 2.70
C TYR E 552 35.36 -31.01 1.83
N VAL E 553 35.11 -32.23 1.36
CA VAL E 553 33.97 -32.39 0.49
C VAL E 553 32.68 -32.13 1.25
N LEU E 554 32.63 -32.53 2.53
CA LEU E 554 31.43 -32.20 3.31
C LEU E 554 31.27 -30.70 3.50
N GLU E 555 32.36 -29.97 3.80
CA GLU E 555 32.25 -28.53 3.94
C GLU E 555 31.83 -27.87 2.64
N SER E 556 32.38 -28.33 1.52
CA SER E 556 32.03 -27.76 0.23
C SER E 556 30.57 -28.00 -0.08
N LEU E 557 30.08 -29.23 0.17
CA LEU E 557 28.68 -29.50 -0.14
C LEU E 557 27.74 -28.71 0.76
N THR E 558 28.08 -28.56 2.05
CA THR E 558 27.16 -27.79 2.90
C THR E 558 27.19 -26.32 2.52
N ILE E 559 28.36 -25.79 2.14
CA ILE E 559 28.42 -24.42 1.64
C ILE E 559 27.54 -24.27 0.41
N ILE E 560 27.61 -25.23 -0.51
CA ILE E 560 26.85 -25.14 -1.75
C ILE E 560 25.35 -25.18 -1.47
N VAL E 561 24.90 -26.12 -0.63
CA VAL E 561 23.46 -26.21 -0.39
C VAL E 561 22.98 -24.99 0.38
N GLN E 562 23.79 -24.49 1.32
CA GLN E 562 23.43 -23.29 2.06
C GLN E 562 23.24 -22.11 1.12
N SER E 563 24.21 -21.89 0.24
CA SER E 563 24.14 -20.77 -0.69
C SER E 563 23.00 -20.94 -1.68
N SER E 564 22.75 -22.15 -2.16
CA SER E 564 21.65 -22.37 -3.09
C SER E 564 20.30 -22.15 -2.41
N LEU E 565 20.18 -22.54 -1.13
CA LEU E 565 18.97 -22.29 -0.39
C LEU E 565 18.73 -20.79 -0.24
N ILE E 566 19.79 -20.04 0.06
CA ILE E 566 19.65 -18.58 0.11
C ILE E 566 19.25 -18.04 -1.26
N VAL E 567 19.85 -18.55 -2.32
CA VAL E 567 19.49 -18.09 -3.66
C VAL E 567 18.00 -18.29 -3.88
N ALA E 568 17.51 -19.50 -3.60
CA ALA E 568 16.10 -19.81 -3.84
C ALA E 568 15.19 -18.92 -3.01
N VAL E 569 15.42 -18.86 -1.69
CA VAL E 569 14.46 -18.18 -0.83
C VAL E 569 14.49 -16.67 -1.06
N LEU E 570 15.69 -16.09 -1.19
CA LEU E 570 15.77 -14.64 -1.35
C LEU E 570 15.33 -14.21 -2.74
N GLY E 571 15.62 -15.01 -3.78
CA GLY E 571 15.10 -14.70 -5.09
C GLY E 571 13.58 -14.80 -5.15
N ARG E 572 13.01 -15.79 -4.47
CA ARG E 572 11.56 -15.90 -4.41
C ARG E 572 10.96 -14.69 -3.72
N GLU E 573 11.56 -14.26 -2.59
CA GLU E 573 11.04 -13.09 -1.91
C GLU E 573 11.18 -11.82 -2.75
N TRP E 574 12.31 -11.68 -3.44
CA TRP E 574 12.52 -10.50 -4.28
C TRP E 574 11.54 -10.48 -5.44
N LEU E 575 11.28 -11.64 -6.05
CA LEU E 575 10.30 -11.71 -7.13
C LEU E 575 8.90 -11.39 -6.63
N GLN E 576 8.54 -11.90 -5.45
CA GLN E 576 7.19 -11.70 -4.95
C GLN E 576 6.96 -10.25 -4.50
N VAL E 577 7.96 -9.62 -3.91
CA VAL E 577 7.77 -8.31 -3.30
C VAL E 577 8.21 -7.21 -4.26
N ARG E 578 9.18 -7.52 -5.12
CA ARG E 578 9.83 -6.55 -6.02
C ARG E 578 10.59 -5.50 -5.24
N ARG E 579 10.90 -5.76 -3.98
CA ARG E 579 11.74 -4.89 -3.17
C ARG E 579 12.39 -5.76 -2.09
N LEU E 580 13.56 -5.34 -1.63
CA LEU E 580 14.28 -6.08 -0.61
C LEU E 580 15.09 -5.10 0.23
N MET E 581 15.14 -5.35 1.54
CA MET E 581 16.00 -4.57 2.41
C MET E 581 17.46 -4.82 2.02
N PRO E 582 18.32 -3.82 2.16
CA PRO E 582 19.69 -3.95 1.62
C PRO E 582 20.46 -5.13 2.18
N VAL E 583 20.19 -5.54 3.41
CA VAL E 583 20.84 -6.74 3.94
C VAL E 583 20.47 -7.96 3.11
N ASP E 584 19.23 -8.00 2.59
CA ASP E 584 18.81 -9.15 1.80
C ASP E 584 19.51 -9.17 0.44
N MET E 585 19.64 -8.02 -0.20
CA MET E 585 20.36 -7.97 -1.48
C MET E 585 21.83 -8.30 -1.29
N ILE E 586 22.44 -7.80 -0.21
CA ILE E 586 23.82 -8.17 0.08
C ILE E 586 23.94 -9.66 0.31
N LEU E 587 23.01 -10.24 1.06
CA LEU E 587 23.06 -11.67 1.34
C LEU E 587 22.87 -12.49 0.06
N ILE E 588 22.02 -12.04 -0.85
CA ILE E 588 21.80 -12.79 -2.08
C ILE E 588 23.03 -12.72 -2.98
N SER E 589 23.62 -11.52 -3.11
CA SER E 589 24.84 -11.41 -3.91
C SER E 589 25.96 -12.24 -3.32
N LEU E 590 26.12 -12.19 -2.00
CA LEU E 590 27.18 -12.96 -1.36
C LEU E 590 26.89 -14.45 -1.40
N GLY E 591 25.61 -14.83 -1.41
CA GLY E 591 25.27 -16.23 -1.58
C GLY E 591 25.68 -16.77 -2.94
N ILE E 592 25.35 -16.03 -4.00
CA ILE E 592 25.76 -16.50 -5.33
C ILE E 592 27.29 -16.50 -5.44
N SER E 593 27.94 -15.50 -4.82
CA SER E 593 29.40 -15.46 -4.83
C SER E 593 29.99 -16.67 -4.11
N ARG E 594 29.45 -17.02 -2.94
CA ARG E 594 29.96 -18.16 -2.20
C ARG E 594 29.72 -19.47 -2.96
N PHE E 595 28.54 -19.62 -3.57
CA PHE E 595 28.26 -20.83 -4.34
C PHE E 595 29.27 -20.99 -5.47
N CYS E 596 29.44 -19.93 -6.26
CA CYS E 596 30.33 -20.03 -7.41
C CYS E 596 31.79 -20.18 -6.98
N LEU E 597 32.19 -19.48 -5.91
CA LEU E 597 33.55 -19.60 -5.41
C LEU E 597 33.83 -21.00 -4.91
N GLN E 598 32.86 -21.62 -4.21
CA GLN E 598 33.08 -22.97 -3.71
C GLN E 598 33.15 -23.98 -4.85
N TRP E 599 32.31 -23.81 -5.87
CA TRP E 599 32.40 -24.70 -7.03
C TRP E 599 33.76 -24.57 -7.72
N ALA E 600 34.21 -23.33 -7.91
CA ALA E 600 35.51 -23.11 -8.53
C ALA E 600 36.63 -23.70 -7.68
N SER E 601 36.55 -23.54 -6.36
CA SER E 601 37.58 -24.08 -5.49
C SER E 601 37.62 -25.60 -5.54
N MET E 602 36.45 -26.24 -5.54
CA MET E 602 36.43 -27.70 -5.64
C MET E 602 37.05 -28.16 -6.94
N LEU E 603 36.66 -27.53 -8.06
CA LEU E 603 37.22 -27.93 -9.34
C LEU E 603 38.73 -27.73 -9.37
N ASN E 604 39.20 -26.58 -8.88
CA ASN E 604 40.61 -26.26 -8.92
C ASN E 604 41.43 -27.21 -8.06
N ASN E 605 40.96 -27.45 -6.83
CA ASN E 605 41.70 -28.34 -5.93
C ASN E 605 41.72 -29.76 -6.45
N PHE E 606 40.58 -30.25 -6.99
CA PHE E 606 40.57 -31.60 -7.53
C PHE E 606 41.52 -31.73 -8.72
N CYS E 607 41.51 -30.74 -9.63
CA CYS E 607 42.41 -30.80 -10.78
C CYS E 607 43.86 -30.75 -10.33
N SER E 608 44.17 -29.92 -9.33
CA SER E 608 45.56 -29.78 -8.88
C SER E 608 46.05 -31.04 -8.20
N TYR E 609 45.27 -31.58 -7.27
CA TYR E 609 45.75 -32.73 -6.50
C TYR E 609 45.74 -34.00 -7.34
N PHE E 610 44.78 -34.13 -8.25
CA PHE E 610 44.73 -35.32 -9.09
C PHE E 610 45.60 -35.20 -10.34
N ASN E 611 46.22 -34.04 -10.56
CA ASN E 611 47.09 -33.80 -11.72
C ASN E 611 46.39 -34.14 -13.03
N LEU E 612 45.07 -34.06 -13.05
CA LEU E 612 44.29 -34.29 -14.27
C LEU E 612 44.17 -32.96 -15.00
N ASN E 613 44.93 -32.81 -16.08
CA ASN E 613 44.86 -31.59 -16.86
C ASN E 613 43.55 -31.54 -17.63
N TYR E 614 42.96 -30.34 -17.69
CA TYR E 614 41.67 -30.17 -18.35
C TYR E 614 41.55 -28.72 -18.79
N VAL E 615 40.60 -28.48 -19.70
CA VAL E 615 40.40 -27.13 -20.22
C VAL E 615 39.91 -26.20 -19.12
N LEU E 616 39.01 -26.68 -18.26
CA LEU E 616 38.39 -25.84 -17.25
C LEU E 616 38.79 -26.21 -15.83
N CYS E 617 39.61 -27.24 -15.63
CA CYS E 617 40.01 -27.61 -14.28
C CYS E 617 40.84 -26.51 -13.62
N ASN E 618 41.77 -25.91 -14.37
CA ASN E 618 42.60 -24.84 -13.86
C ASN E 618 41.90 -23.52 -14.14
N LEU E 619 41.25 -22.97 -13.12
CA LEU E 619 40.45 -21.74 -13.23
C LEU E 619 40.80 -20.78 -12.10
N THR E 620 42.10 -20.60 -11.86
CA THR E 620 42.54 -19.74 -10.77
C THR E 620 42.01 -18.32 -10.91
N ILE E 621 41.87 -17.83 -12.14
CA ILE E 621 41.43 -16.45 -12.33
C ILE E 621 39.96 -16.30 -11.90
N THR E 622 39.14 -17.33 -12.16
CA THR E 622 37.76 -17.27 -11.70
C THR E 622 37.69 -17.26 -10.18
N TRP E 623 38.50 -18.10 -9.53
CA TRP E 623 38.52 -18.11 -8.07
C TRP E 623 38.97 -16.78 -7.52
N GLU E 624 39.99 -16.17 -8.14
CA GLU E 624 40.48 -14.89 -7.65
C GLU E 624 39.43 -13.80 -7.80
N PHE E 625 38.77 -13.75 -8.96
CA PHE E 625 37.72 -12.76 -9.17
C PHE E 625 36.57 -12.96 -8.18
N PHE E 626 36.22 -14.20 -7.91
CA PHE E 626 35.10 -14.48 -7.03
C PHE E 626 35.46 -14.23 -5.58
N ASN E 627 36.72 -14.44 -5.21
CA ASN E 627 37.20 -14.05 -3.90
C ASN E 627 37.16 -12.54 -3.72
N ILE E 628 37.57 -11.79 -4.74
CA ILE E 628 37.46 -10.34 -4.66
C ILE E 628 36.00 -9.95 -4.54
N LEU E 629 35.11 -10.66 -5.24
CA LEU E 629 33.69 -10.35 -5.18
C LEU E 629 33.13 -10.58 -3.78
N THR E 630 33.47 -11.71 -3.16
CA THR E 630 32.96 -11.96 -1.81
C THR E 630 33.57 -11.00 -0.80
N PHE E 631 34.83 -10.61 -0.98
CA PHE E 631 35.42 -9.61 -0.09
C PHE E 631 34.69 -8.28 -0.22
N TRP E 632 34.40 -7.85 -1.44
CA TRP E 632 33.71 -6.58 -1.64
C TRP E 632 32.29 -6.64 -1.08
N LEU E 633 31.61 -7.77 -1.26
CA LEU E 633 30.26 -7.90 -0.72
C LEU E 633 30.26 -7.90 0.80
N ASN E 634 31.25 -8.56 1.42
CA ASN E 634 31.35 -8.52 2.87
C ASN E 634 31.65 -7.10 3.37
N SER E 635 32.52 -6.38 2.67
CA SER E 635 32.80 -5.01 3.06
C SER E 635 31.56 -4.15 2.93
N LEU E 636 30.78 -4.34 1.86
CA LEU E 636 29.55 -3.59 1.71
C LEU E 636 28.53 -3.96 2.78
N LEU E 637 28.49 -5.23 3.18
CA LEU E 637 27.62 -5.65 4.26
C LEU E 637 27.98 -4.93 5.56
N THR E 638 29.27 -4.85 5.86
CA THR E 638 29.68 -4.18 7.09
C THR E 638 29.43 -2.68 7.02
N VAL E 639 29.65 -2.06 5.86
CA VAL E 639 29.36 -0.64 5.73
C VAL E 639 27.86 -0.39 5.83
N PHE E 640 27.04 -1.33 5.36
CA PHE E 640 25.59 -1.18 5.46
C PHE E 640 25.13 -1.32 6.91
N TYR E 641 25.69 -2.29 7.64
CA TYR E 641 25.50 -2.33 9.09
C TYR E 641 25.88 -1.00 9.72
N CYS E 642 27.03 -0.47 9.31
CA CYS E 642 27.52 0.81 9.79
C CYS E 642 26.48 1.91 9.61
N ILE E 643 25.95 2.05 8.39
CA ILE E 643 25.04 3.17 8.12
C ILE E 643 23.70 2.96 8.82
N LYS E 644 23.17 1.73 8.82
CA LYS E 644 21.84 1.54 9.39
C LYS E 644 21.86 1.64 10.91
N VAL E 645 22.81 0.96 11.56
CA VAL E 645 22.80 0.89 13.01
C VAL E 645 23.11 2.26 13.62
N SER E 646 24.02 3.01 13.00
CA SER E 646 24.39 4.31 13.54
C SER E 646 23.18 5.23 13.59
N SER E 647 23.02 5.91 14.72
CA SER E 647 21.88 6.78 14.97
C SER E 647 22.27 8.25 14.93
N PHE E 648 23.18 8.60 14.03
CA PHE E 648 23.55 9.99 13.84
C PHE E 648 22.36 10.78 13.28
N THR E 649 22.40 12.10 13.47
CA THR E 649 21.32 12.98 13.04
C THR E 649 21.83 14.11 12.15
N HIS E 650 23.03 13.99 11.61
CA HIS E 650 23.57 15.03 10.74
C HIS E 650 22.80 15.09 9.43
N HIS E 651 22.50 16.30 8.98
CA HIS E 651 21.69 16.47 7.78
C HIS E 651 22.38 15.90 6.55
N ILE E 652 23.67 16.21 6.38
CA ILE E 652 24.41 15.71 5.23
C ILE E 652 24.64 14.20 5.36
N PHE E 653 24.95 13.74 6.58
CA PHE E 653 25.15 12.31 6.78
C PHE E 653 23.88 11.52 6.49
N LEU E 654 22.73 12.02 6.96
CA LEU E 654 21.46 11.35 6.68
C LEU E 654 21.10 11.44 5.21
N TRP E 655 21.40 12.59 4.58
CA TRP E 655 21.30 12.76 3.14
C TRP E 655 21.97 11.58 2.43
N LEU E 656 23.28 11.44 2.67
CA LEU E 656 24.04 10.33 2.09
C LEU E 656 23.43 8.99 2.47
N ARG E 657 22.93 8.87 3.71
CA ARG E 657 22.34 7.62 4.15
C ARG E 657 21.19 7.20 3.23
N TRP E 658 20.14 8.01 3.16
CA TRP E 658 19.03 7.60 2.32
C TRP E 658 19.44 7.46 0.87
N ARG E 659 20.51 8.13 0.43
CA ARG E 659 21.00 7.86 -0.90
C ARG E 659 21.60 6.45 -1.02
N ILE E 660 22.26 5.96 0.04
CA ILE E 660 22.69 4.56 0.00
C ILE E 660 21.50 3.61 0.01
N LEU E 661 20.50 3.86 0.87
CA LEU E 661 19.34 2.97 0.88
C LEU E 661 18.61 2.96 -0.46
N ARG E 662 18.45 4.12 -1.08
CA ARG E 662 17.75 4.16 -2.36
C ARG E 662 18.57 3.51 -3.48
N LEU E 663 19.85 3.86 -3.58
CA LEU E 663 20.70 3.42 -4.67
C LEU E 663 21.54 2.20 -4.30
N PHE E 664 21.09 1.39 -3.35
CA PHE E 664 21.88 0.23 -2.94
C PHE E 664 22.12 -0.78 -4.05
N PRO E 665 21.15 -1.14 -4.89
CA PRO E 665 21.49 -2.01 -6.03
C PRO E 665 22.54 -1.41 -6.95
N TRP E 666 22.55 -0.08 -7.10
CA TRP E 666 23.62 0.57 -7.85
C TRP E 666 24.96 0.42 -7.13
N ILE E 667 24.95 0.42 -5.79
CA ILE E 667 26.18 0.17 -5.05
C ILE E 667 26.65 -1.28 -5.28
N LEU E 668 25.70 -2.22 -5.37
CA LEU E 668 26.07 -3.60 -5.66
C LEU E 668 26.69 -3.71 -7.05
N LEU E 669 26.10 -3.05 -8.04
CA LEU E 669 26.67 -3.04 -9.38
C LEU E 669 28.05 -2.39 -9.37
N GLY E 670 28.21 -1.32 -8.60
CA GLY E 670 29.52 -0.69 -8.47
C GLY E 670 30.54 -1.63 -7.85
N CYS E 671 30.13 -2.40 -6.86
CA CYS E 671 31.03 -3.40 -6.28
C CYS E 671 31.44 -4.44 -7.31
N LEU E 672 30.49 -4.90 -8.12
CA LEU E 672 30.81 -5.88 -9.15
C LEU E 672 31.78 -5.30 -10.17
N MET E 673 31.55 -4.06 -10.60
CA MET E 673 32.42 -3.49 -11.63
C MET E 673 33.80 -3.15 -11.08
N ILE E 674 33.89 -2.72 -9.81
CA ILE E 674 35.21 -2.49 -9.24
C ILE E 674 35.92 -3.82 -9.03
N THR E 675 35.17 -4.89 -8.74
CA THR E 675 35.78 -6.23 -8.69
C THR E 675 36.38 -6.60 -10.04
N CYS E 676 35.64 -6.36 -11.12
CA CYS E 676 36.15 -6.65 -12.45
C CYS E 676 37.39 -5.82 -12.77
N VAL E 677 37.32 -4.51 -12.48
CA VAL E 677 38.44 -3.62 -12.78
C VAL E 677 39.68 -4.02 -12.01
N THR E 678 39.51 -4.37 -10.73
CA THR E 678 40.65 -4.76 -9.91
C THR E 678 41.18 -6.14 -10.28
N ILE E 679 40.32 -7.03 -10.78
CA ILE E 679 40.78 -8.35 -11.17
C ILE E 679 41.42 -8.37 -12.55
N ILE E 680 41.19 -7.33 -13.37
CA ILE E 680 41.84 -7.28 -14.69
C ILE E 680 43.36 -7.39 -14.60
N PRO E 681 44.06 -6.70 -13.69
CA PRO E 681 45.50 -6.94 -13.57
C PRO E 681 45.85 -8.38 -13.25
N SER E 682 45.06 -9.06 -12.42
CA SER E 682 45.31 -10.47 -12.17
C SER E 682 45.15 -11.29 -13.44
N ALA E 683 44.14 -10.97 -14.26
CA ALA E 683 43.94 -11.68 -15.51
C ALA E 683 45.12 -11.49 -16.46
N ILE E 684 45.62 -10.25 -16.58
CA ILE E 684 46.73 -10.02 -17.49
C ILE E 684 48.00 -10.67 -16.95
N GLY E 685 48.16 -10.71 -15.63
CA GLY E 685 49.29 -11.43 -15.06
C GLY E 685 49.24 -12.91 -15.35
N ASN E 686 48.06 -13.50 -15.23
CA ASN E 686 47.89 -14.91 -15.58
C ASN E 686 48.17 -15.15 -17.06
N TYR E 687 47.73 -14.22 -17.91
CA TYR E 687 47.99 -14.35 -19.34
C TYR E 687 49.49 -14.31 -19.64
N ILE E 688 50.21 -13.38 -19.03
CA ILE E 688 51.64 -13.31 -19.29
C ILE E 688 52.36 -14.52 -18.71
N GLN E 689 51.89 -15.04 -17.57
CA GLN E 689 52.56 -16.21 -16.99
C GLN E 689 52.28 -17.47 -17.80
N ILE E 690 51.11 -17.57 -18.45
CA ILE E 690 50.84 -18.73 -19.29
C ILE E 690 51.54 -18.59 -20.63
N GLN E 691 51.74 -17.35 -21.11
CA GLN E 691 52.57 -17.15 -22.29
C GLN E 691 54.01 -17.53 -22.02
N LEU E 692 54.52 -17.19 -20.83
CA LEU E 692 55.87 -17.61 -20.46
C LEU E 692 55.97 -19.12 -20.41
N LEU E 693 54.95 -19.77 -19.86
CA LEU E 693 54.92 -21.23 -19.79
C LEU E 693 54.78 -21.83 -21.18
N GLU E 709 60.38 -13.31 -11.64
CA GLU E 709 61.09 -12.04 -11.67
C GLU E 709 60.13 -10.89 -11.37
N ASN E 710 60.27 -9.79 -12.12
CA ASN E 710 59.39 -8.64 -11.93
C ASN E 710 57.94 -9.01 -12.21
N PHE E 711 57.70 -9.95 -13.13
CA PHE E 711 56.34 -10.41 -13.38
C PHE E 711 55.75 -11.08 -12.15
N HIS E 712 56.54 -11.91 -11.47
CA HIS E 712 56.05 -12.58 -10.27
C HIS E 712 55.73 -11.56 -9.17
N GLN E 713 56.61 -10.58 -8.97
CA GLN E 713 56.37 -9.58 -7.95
C GLN E 713 55.16 -8.71 -8.30
N TYR E 714 54.98 -8.41 -9.59
CA TYR E 714 53.80 -7.66 -10.00
C TYR E 714 52.53 -8.45 -9.75
N GLN E 715 52.55 -9.75 -10.06
CA GLN E 715 51.39 -10.59 -9.78
C GLN E 715 51.09 -10.63 -8.29
N PHE E 716 52.12 -10.78 -7.46
CA PHE E 716 51.91 -10.81 -6.02
C PHE E 716 51.32 -9.50 -5.52
N GLN E 717 51.88 -8.37 -5.97
CA GLN E 717 51.38 -7.08 -5.54
C GLN E 717 49.93 -6.87 -5.97
N ALA E 718 49.61 -7.22 -7.23
CA ALA E 718 48.25 -7.06 -7.71
C ALA E 718 47.28 -7.89 -6.90
N HIS E 719 47.61 -9.16 -6.67
CA HIS E 719 46.73 -10.04 -5.92
C HIS E 719 46.54 -9.54 -4.49
N THR E 720 47.62 -9.15 -3.82
CA THR E 720 47.51 -8.76 -2.41
C THR E 720 46.79 -7.43 -2.26
N VAL E 721 47.00 -6.49 -3.18
CA VAL E 721 46.26 -5.24 -3.11
C VAL E 721 44.79 -5.48 -3.41
N ALA E 722 44.49 -6.35 -4.38
CA ALA E 722 43.12 -6.71 -4.68
C ALA E 722 42.42 -7.28 -3.45
N LEU E 723 43.11 -8.14 -2.70
CA LEU E 723 42.52 -8.69 -1.49
C LEU E 723 42.38 -7.64 -0.39
N VAL E 724 43.41 -6.81 -0.20
CA VAL E 724 43.47 -5.96 0.98
C VAL E 724 42.67 -4.68 0.86
N ILE E 725 42.33 -4.24 -0.37
CA ILE E 725 41.55 -3.01 -0.50
C ILE E 725 40.17 -3.13 0.13
N PRO E 726 39.37 -4.17 -0.15
CA PRO E 726 38.10 -4.30 0.58
C PRO E 726 38.28 -4.58 2.06
N PHE E 727 39.39 -5.23 2.44
CA PHE E 727 39.57 -5.60 3.84
C PHE E 727 39.78 -4.38 4.72
N ILE E 728 40.43 -3.34 4.21
CA ILE E 728 40.61 -2.12 5.01
C ILE E 728 39.25 -1.51 5.32
N LEU E 729 38.38 -1.42 4.31
CA LEU E 729 37.03 -0.89 4.54
C LEU E 729 36.26 -1.76 5.52
N PHE E 730 36.34 -3.09 5.34
CA PHE E 730 35.61 -3.99 6.23
C PHE E 730 36.08 -3.84 7.67
N LEU E 731 37.40 -3.81 7.87
CA LEU E 731 37.95 -3.69 9.22
C LEU E 731 37.58 -2.36 9.84
N ALA E 732 37.67 -1.27 9.07
CA ALA E 732 37.31 0.04 9.61
C ALA E 732 35.85 0.08 10.01
N SER E 733 34.97 -0.44 9.15
CA SER E 733 33.54 -0.43 9.46
C SER E 733 33.24 -1.27 10.69
N THR E 734 33.81 -2.48 10.77
CA THR E 734 33.59 -3.32 11.92
C THR E 734 34.10 -2.67 13.19
N ILE E 735 35.29 -2.08 13.13
CA ILE E 735 35.88 -1.46 14.32
C ILE E 735 35.02 -0.30 14.80
N PHE E 736 34.55 0.53 13.88
CA PHE E 736 33.76 1.69 14.33
C PHE E 736 32.39 1.24 14.83
N LEU E 737 31.83 0.17 14.25
CA LEU E 737 30.58 -0.36 14.76
C LEU E 737 30.74 -0.91 16.17
N MET E 738 31.84 -1.63 16.43
CA MET E 738 32.12 -2.07 17.79
C MET E 738 32.28 -0.89 18.72
N ALA E 739 32.99 0.15 18.27
CA ALA E 739 33.19 1.32 19.11
C ALA E 739 31.86 1.98 19.46
N SER E 740 30.98 2.13 18.47
CA SER E 740 29.69 2.76 18.71
C SER E 740 28.83 1.91 19.65
N LEU E 741 28.77 0.61 19.43
CA LEU E 741 27.95 -0.25 20.27
C LEU E 741 28.48 -0.28 21.70
N THR E 742 29.80 -0.37 21.88
CA THR E 742 30.37 -0.38 23.23
C THR E 742 30.20 0.98 23.90
N LYS E 743 30.31 2.07 23.14
CA LYS E 743 30.06 3.39 23.71
C LYS E 743 28.62 3.52 24.18
N GLN E 744 27.67 2.99 23.41
CA GLN E 744 26.28 2.99 23.85
C GLN E 744 26.08 2.12 25.08
N ILE E 745 26.78 0.98 25.14
CA ILE E 745 26.66 0.10 26.30
C ILE E 745 27.16 0.81 27.56
N GLN E 746 28.33 1.45 27.46
CA GLN E 746 28.95 2.07 28.63
C GLN E 746 28.27 3.38 29.02
N HIS E 747 27.73 4.11 28.05
CA HIS E 747 27.16 5.42 28.33
C HIS E 747 25.88 5.31 29.15
N HIS E 748 25.19 4.17 29.08
CA HIS E 748 23.95 4.00 29.81
C HIS E 748 24.20 4.12 31.32
N SER E 749 23.35 4.89 31.99
CA SER E 749 23.46 5.11 33.43
C SER E 749 22.11 5.60 33.93
N THR E 750 21.49 4.81 34.81
CA THR E 750 20.17 5.03 35.39
C THR E 750 19.07 4.82 34.33
N GLY E 751 19.44 4.63 33.07
CA GLY E 751 18.50 4.34 32.02
C GLY E 751 18.66 2.93 31.50
N HIS E 752 18.85 1.99 32.42
CA HIS E 752 19.12 0.61 32.06
C HIS E 752 17.95 0.04 31.26
N CYS E 753 18.28 -0.63 30.15
CA CYS E 753 17.30 -1.28 29.28
C CYS E 753 17.80 -2.70 29.04
N ASN E 754 17.35 -3.65 29.86
CA ASN E 754 17.89 -5.00 29.79
C ASN E 754 17.64 -5.67 28.44
N PRO E 755 16.44 -5.67 27.87
CA PRO E 755 16.31 -6.20 26.50
C PRO E 755 17.16 -5.47 25.47
N SER E 756 17.28 -4.14 25.58
CA SER E 756 18.03 -3.39 24.58
C SER E 756 19.53 -3.62 24.72
N MET E 757 20.05 -3.62 25.95
CA MET E 757 21.44 -3.99 26.16
C MET E 757 21.70 -5.44 25.77
N LYS E 758 20.72 -6.32 25.95
CA LYS E 758 20.86 -7.69 25.47
C LYS E 758 21.00 -7.73 23.96
N ALA E 759 20.16 -6.98 23.25
CA ALA E 759 20.26 -6.92 21.80
C ALA E 759 21.59 -6.33 21.36
N ARG E 760 22.05 -5.28 22.05
CA ARG E 760 23.33 -4.66 21.71
C ARG E 760 24.49 -5.63 21.93
N PHE E 761 24.47 -6.37 23.04
CA PHE E 761 25.51 -7.36 23.30
C PHE E 761 25.47 -8.49 22.27
N THR E 762 24.27 -8.93 21.89
CA THR E 762 24.17 -9.96 20.85
C THR E 762 24.74 -9.46 19.53
N ALA E 763 24.43 -8.21 19.17
CA ALA E 763 24.98 -7.65 17.94
C ALA E 763 26.49 -7.54 18.01
N LEU E 764 27.03 -7.13 19.16
CA LEU E 764 28.47 -7.03 19.31
C LEU E 764 29.13 -8.39 19.21
N ARG E 765 28.52 -9.42 19.80
CA ARG E 765 29.06 -10.77 19.71
C ARG E 765 29.04 -11.28 18.27
N SER E 766 27.94 -11.02 17.56
CA SER E 766 27.86 -11.45 16.16
C SER E 766 28.92 -10.74 15.31
N LEU E 767 29.11 -9.44 15.55
CA LEU E 767 30.15 -8.70 14.83
C LEU E 767 31.53 -9.25 15.16
N ALA E 768 31.76 -9.61 16.43
CA ALA E 768 33.05 -10.20 16.79
C ALA E 768 33.28 -11.51 16.08
N VAL E 769 32.26 -12.37 16.03
CA VAL E 769 32.38 -13.64 15.32
C VAL E 769 32.71 -13.40 13.86
N LEU E 770 31.98 -12.48 13.22
CA LEU E 770 32.20 -12.19 11.81
C LEU E 770 33.60 -11.64 11.57
N PHE E 771 34.04 -10.71 12.42
CA PHE E 771 35.36 -10.11 12.23
C PHE E 771 36.46 -11.14 12.40
N ILE E 772 36.37 -11.97 13.44
CA ILE E 772 37.41 -12.97 13.68
C ILE E 772 37.44 -13.96 12.52
N VAL E 773 36.28 -14.44 12.09
CA VAL E 773 36.23 -15.42 11.01
C VAL E 773 36.79 -14.83 9.72
N PHE E 774 36.39 -13.61 9.38
CA PHE E 774 36.82 -13.04 8.11
C PHE E 774 38.28 -12.63 8.14
N THR E 775 38.78 -12.14 9.27
CA THR E 775 40.20 -11.82 9.34
C THR E 775 41.04 -13.09 9.32
N SER E 776 40.54 -14.19 9.87
CA SER E 776 41.25 -15.46 9.76
C SER E 776 41.27 -15.94 8.31
N TYR E 777 40.15 -15.80 7.60
CA TYR E 777 40.12 -16.16 6.19
C TYR E 777 41.08 -15.30 5.38
N PHE E 778 41.10 -14.00 5.65
CA PHE E 778 42.03 -13.11 4.95
C PHE E 778 43.47 -13.49 5.25
N LEU E 779 43.77 -13.81 6.51
CA LEU E 779 45.13 -14.19 6.88
C LEU E 779 45.55 -15.49 6.20
N THR E 780 44.65 -16.48 6.13
CA THR E 780 45.03 -17.74 5.52
C THR E 780 45.19 -17.60 4.01
N ILE E 781 44.35 -16.78 3.36
CA ILE E 781 44.54 -16.55 1.93
C ILE E 781 45.81 -15.75 1.68
N LEU E 782 46.16 -14.83 2.59
CA LEU E 782 47.41 -14.10 2.46
C LEU E 782 48.61 -15.03 2.61
N ILE E 783 48.55 -15.97 3.56
CA ILE E 783 49.64 -16.92 3.70
C ILE E 783 49.75 -17.77 2.44
N THR E 784 48.61 -18.17 1.86
CA THR E 784 48.62 -18.88 0.59
C THR E 784 49.28 -18.05 -0.51
N ILE E 785 48.95 -16.75 -0.56
CA ILE E 785 49.53 -15.87 -1.56
C ILE E 785 51.04 -15.77 -1.37
N ILE E 786 51.51 -15.93 -0.12
CA ILE E 786 52.92 -15.97 0.16
C ILE E 786 53.40 -17.44 0.27
N GLY E 787 52.63 -18.37 -0.27
CA GLY E 787 52.98 -19.77 -0.20
C GLY E 787 54.29 -20.10 -0.88
N THR E 788 54.78 -19.22 -1.76
CA THR E 788 56.10 -19.41 -2.36
C THR E 788 57.19 -19.38 -1.30
N LEU E 789 57.02 -18.55 -0.25
CA LEU E 789 57.98 -18.45 0.82
C LEU E 789 57.48 -19.08 2.12
N PHE E 790 56.48 -19.95 2.03
CA PHE E 790 55.81 -20.53 3.19
C PHE E 790 55.61 -22.01 2.91
N ASP E 791 54.73 -22.64 3.69
CA ASP E 791 54.54 -24.08 3.60
C ASP E 791 54.16 -24.49 2.18
N LYS E 792 54.74 -25.61 1.74
CA LYS E 792 54.55 -26.08 0.37
C LYS E 792 53.17 -26.71 0.28
N ARG E 793 52.48 -26.46 -0.84
CA ARG E 793 51.08 -26.84 -1.02
C ARG E 793 50.85 -28.35 -1.02
N CYS E 794 51.89 -29.14 -0.73
CA CYS E 794 51.72 -30.59 -0.57
C CYS E 794 50.69 -30.89 0.50
N TRP E 795 50.58 -30.06 1.53
CA TRP E 795 49.53 -30.19 2.53
C TRP E 795 48.26 -29.55 1.99
N LEU E 796 47.84 -29.95 0.78
CA LEU E 796 46.73 -29.29 0.12
C LEU E 796 45.43 -29.50 0.88
N TRP E 797 45.13 -30.74 1.24
CA TRP E 797 43.84 -31.04 1.84
C TRP E 797 43.66 -30.33 3.19
N VAL E 798 44.71 -30.33 4.02
CA VAL E 798 44.56 -29.74 5.34
C VAL E 798 44.39 -28.22 5.25
N TRP E 799 45.18 -27.56 4.39
CA TRP E 799 45.06 -26.12 4.25
C TRP E 799 43.72 -25.73 3.66
N GLU E 800 43.28 -26.45 2.64
CA GLU E 800 41.99 -26.16 2.03
C GLU E 800 40.86 -26.38 3.03
N ALA E 801 40.95 -27.44 3.83
CA ALA E 801 39.94 -27.67 4.86
C ALA E 801 39.91 -26.55 5.88
N PHE E 802 41.09 -26.06 6.29
CA PHE E 802 41.16 -24.92 7.19
C PHE E 802 40.46 -23.70 6.60
N VAL E 803 40.82 -23.34 5.37
CA VAL E 803 40.29 -22.14 4.75
C VAL E 803 38.78 -22.23 4.63
N TYR E 804 38.28 -23.37 4.16
CA TYR E 804 36.86 -23.46 3.91
C TYR E 804 36.05 -23.83 5.14
N ALA E 805 36.71 -24.27 6.22
CA ALA E 805 36.03 -24.25 7.53
C ALA E 805 35.81 -22.83 8.00
N PHE E 806 36.81 -21.95 7.79
CA PHE E 806 36.60 -20.55 8.09
C PHE E 806 35.44 -19.98 7.26
N ILE E 807 35.42 -20.29 5.96
CA ILE E 807 34.36 -19.75 5.12
C ILE E 807 33.02 -20.37 5.47
N LEU E 808 32.99 -21.62 5.94
CA LEU E 808 31.75 -22.23 6.40
C LEU E 808 31.22 -21.53 7.64
N MET E 809 32.10 -21.19 8.58
CA MET E 809 31.66 -20.44 9.75
C MET E 809 31.13 -19.07 9.35
N HIS E 810 31.78 -18.41 8.39
CA HIS E 810 31.28 -17.13 7.89
C HIS E 810 29.89 -17.28 7.29
N SER E 811 29.69 -18.31 6.46
CA SER E 811 28.41 -18.50 5.80
C SER E 811 27.32 -18.84 6.81
N THR E 812 27.63 -19.63 7.83
CA THR E 812 26.65 -19.94 8.86
C THR E 812 26.31 -18.70 9.70
N SER E 813 27.31 -17.87 9.98
CA SER E 813 27.03 -16.62 10.69
C SER E 813 26.07 -15.74 9.90
N LEU E 814 26.30 -15.63 8.59
CA LEU E 814 25.40 -14.83 7.76
C LEU E 814 24.05 -15.53 7.56
N MET E 815 24.02 -16.85 7.66
CA MET E 815 22.76 -17.57 7.77
C MET E 815 21.95 -17.09 8.96
N LEU E 816 22.56 -17.10 10.14
CA LEU E 816 21.86 -16.67 11.34
C LEU E 816 21.62 -15.17 11.38
N SER E 817 22.31 -14.41 10.53
CA SER E 817 22.14 -12.96 10.46
C SER E 817 21.15 -12.53 9.39
N SER E 818 20.48 -13.46 8.73
CA SER E 818 19.54 -13.09 7.66
C SER E 818 18.14 -12.92 8.24
N PRO E 819 17.52 -11.75 8.11
CA PRO E 819 16.19 -11.55 8.70
C PRO E 819 15.08 -12.25 7.93
N THR E 820 15.19 -12.25 6.59
CA THR E 820 14.15 -12.88 5.78
C THR E 820 14.09 -14.38 6.01
N LEU E 821 15.24 -15.03 6.14
CA LEU E 821 15.25 -16.47 6.32
C LEU E 821 14.59 -16.86 7.64
N LYS E 822 14.91 -16.15 8.73
CA LYS E 822 14.29 -16.48 10.01
C LYS E 822 12.82 -16.09 10.04
N ARG E 823 12.46 -15.00 9.37
CA ARG E 823 11.06 -14.59 9.31
C ARG E 823 10.23 -15.63 8.55
N ILE E 824 10.75 -16.13 7.44
CA ILE E 824 10.02 -17.13 6.67
C ILE E 824 9.99 -18.45 7.42
N LEU E 825 11.12 -18.87 7.98
CA LEU E 825 11.17 -20.10 8.75
C LEU E 825 10.65 -19.89 10.16
C1 SA0 F . 43.33 -20.21 -4.49
O1 SA0 F . 44.35 -19.66 -5.29
C2 SA0 F . 42.79 -21.44 -5.22
O2 SA0 F . 42.23 -21.04 -6.47
C3 SA0 F . 41.76 -22.11 -4.36
O3 SA0 F . 41.30 -23.31 -4.98
C4 SA0 F . 42.35 -22.43 -2.99
O4 SA0 F . 41.34 -22.96 -2.13
C5 SA0 F . 42.92 -21.16 -2.35
O5 SA0 F . 43.89 -20.58 -3.25
C6 SA0 F . 43.62 -21.43 -1.05
O6 SA0 F . 44.70 -22.34 -1.22
OAA SA0 F . 46.47 -20.04 -6.57
CAF SA0 F . 45.69 -15.82 -4.41
CAG SA0 F . 44.65 -16.37 -3.70
CAH SA0 F . 46.28 -16.56 -5.41
CAI SA0 F . 44.19 -17.64 -3.98
CAJ SA0 F . 46.51 -18.64 -6.83
CAN SA0 F . 45.85 -17.84 -5.73
CAO SA0 F . 44.79 -18.38 -4.99
#